data_5KZT
#
_entry.id   5KZT
#
_cell.length_a   100.277
_cell.length_b   74.630
_cell.length_c   155.061
_cell.angle_alpha   90.00
_cell.angle_beta   109.38
_cell.angle_gamma   90.00
#
_symmetry.space_group_name_H-M   'C 1 2 1'
#
loop_
_entity.id
_entity.type
_entity.pdbx_description
1 polymer 'Peptide/nickel transport system substrate-binding protein'
2 polymer 'Hexamer peptide: SER-ASP-GLU-SER-LYS-GLY'
3 polymer 'Hexamer peptide: SER-ASP-GLU-SER-SER-GLY'
4 water water
#
loop_
_entity_poly.entity_id
_entity_poly.type
_entity_poly.pdbx_seq_one_letter_code
_entity_poly.pdbx_strand_id
1 'polypeptide(L)'
;MDKKGSDSGKASGEQVLNLTESALIPSADSTKADDQVGLNVVNQTNEGLYALDKDGIPAIAGAAEEPKISDDKTVYTIKL
REDAKWSNGDPVTANDYVYSWRRAVDPNTAATYSYLFDAIKNGGDIVAGKKKPEELGIKAVDDYTLEVTLSKPTAYINSL
FAFPTFFPLNEKFVTEKGEKYAQNSDNMLFNGPFELKDWTGTNKKWTYVKNDKYWDKDKVKLKQINVQVVQDSGTGLNLY
NTDKVDRTVLSADYAAQNKNNKDYVTVNNSSTFYIKFNQKRAGKDTVFANKNIRKAIALAIDKQSYTDTVLKNGSKPANN
LVPEGFTFDPGNKEDYTKESGKHLEYDVKEAQKAWKAGLKELGVNEITVEFTSDDTENARKSSEFIQDQLQKNLDGLTVK
LKNVPFKVRLQNDQNQDYDFSMSGWGPDYQDPSTFLDLFVTDGAQNRMSYSNKDYDKILNDASVTYAADDQKRWDEMVKA
EKILLTDDVAIQPLYQRSTAYLQKDYIKNLQKNPFGPDYTYKETYLTKLEHHHHHH
;
A,B
2 'polypeptide(L)' SDESKG C
3 'polypeptide(L)' SDESSG D
#
# COMPACT_ATOMS: atom_id res chain seq x y z
N SER A 12 -21.65 -29.36 -34.04
CA SER A 12 -21.06 -30.19 -35.14
C SER A 12 -19.67 -29.69 -35.56
N GLY A 13 -18.82 -30.61 -36.04
CA GLY A 13 -17.42 -30.30 -36.38
C GLY A 13 -16.52 -30.07 -35.15
N GLU A 14 -15.28 -29.71 -35.42
CA GLU A 14 -14.28 -29.48 -34.37
C GLU A 14 -14.63 -28.28 -33.48
N GLN A 15 -14.58 -28.49 -32.17
CA GLN A 15 -14.98 -27.50 -31.21
C GLN A 15 -13.77 -26.72 -30.71
N VAL A 16 -13.15 -25.98 -31.63
CA VAL A 16 -12.02 -25.12 -31.34
C VAL A 16 -12.38 -23.73 -31.86
N LEU A 17 -12.30 -22.73 -30.97
CA LEU A 17 -12.72 -21.37 -31.27
C LEU A 17 -11.49 -20.48 -31.29
N ASN A 18 -11.40 -19.60 -32.28
CA ASN A 18 -10.25 -18.70 -32.48
C ASN A 18 -10.67 -17.24 -32.37
N LEU A 19 -10.18 -16.56 -31.35
CA LEU A 19 -10.61 -15.20 -31.02
C LEU A 19 -9.42 -14.28 -31.06
N THR A 20 -9.72 -12.97 -31.05
CA THR A 20 -8.70 -11.94 -30.92
C THR A 20 -8.97 -11.10 -29.67
N GLU A 21 -7.93 -10.41 -29.22
CA GLU A 21 -8.03 -9.43 -28.14
C GLU A 21 -7.20 -8.22 -28.55
N SER A 22 -7.54 -7.03 -28.04
CA SER A 22 -6.90 -5.78 -28.49
C SER A 22 -5.68 -5.34 -27.67
N ALA A 23 -5.33 -6.10 -26.63
CA ALA A 23 -4.29 -5.71 -25.69
C ALA A 23 -3.75 -6.92 -24.98
N LEU A 24 -2.49 -6.81 -24.56
CA LEU A 24 -1.85 -7.79 -23.68
C LEU A 24 -2.59 -7.79 -22.34
N ILE A 25 -2.60 -8.93 -21.66
CA ILE A 25 -3.27 -9.05 -20.37
C ILE A 25 -2.57 -8.22 -19.30
N PRO A 26 -3.28 -7.25 -18.66
CA PRO A 26 -2.62 -6.47 -17.62
C PRO A 26 -2.44 -7.22 -16.32
N SER A 27 -3.42 -8.06 -15.98
CA SER A 27 -3.37 -8.86 -14.75
C SER A 27 -4.30 -10.04 -14.90
N ALA A 28 -3.87 -11.19 -14.37
CA ALA A 28 -4.76 -12.33 -14.25
C ALA A 28 -4.88 -12.79 -12.81
N ASP A 29 -4.59 -11.88 -11.87
CA ASP A 29 -4.78 -12.14 -10.45
C ASP A 29 -6.22 -11.77 -10.15
N SER A 30 -7.06 -12.73 -9.76
CA SER A 30 -8.49 -12.45 -9.58
C SER A 30 -8.78 -11.41 -8.49
N THR A 31 -7.87 -11.27 -7.52
CA THR A 31 -8.02 -10.24 -6.51
C THR A 31 -7.66 -8.85 -7.03
N LYS A 32 -6.57 -8.75 -7.77
CA LYS A 32 -5.96 -7.48 -8.12
C LYS A 32 -6.43 -6.93 -9.48
N ALA A 33 -6.82 -7.81 -10.41
CA ALA A 33 -7.27 -7.41 -11.74
C ALA A 33 -8.45 -6.45 -11.64
N ASP A 34 -8.37 -5.38 -12.42
CA ASP A 34 -9.48 -4.40 -12.51
C ASP A 34 -9.81 -3.96 -13.93
N ASP A 35 -9.34 -4.71 -14.92
CA ASP A 35 -9.52 -4.33 -16.31
C ASP A 35 -10.30 -5.38 -17.08
N GLN A 36 -10.89 -4.94 -18.19
CA GLN A 36 -11.80 -5.82 -18.91
C GLN A 36 -11.12 -7.04 -19.52
N VAL A 37 -9.84 -6.92 -19.87
CA VAL A 37 -9.12 -8.02 -20.53
C VAL A 37 -8.82 -9.14 -19.54
N GLY A 38 -8.19 -8.77 -18.44
CA GLY A 38 -7.89 -9.69 -17.37
C GLY A 38 -9.10 -10.26 -16.66
N LEU A 39 -10.13 -9.46 -16.43
CA LEU A 39 -11.34 -9.96 -15.75
C LEU A 39 -12.09 -10.96 -16.62
N ASN A 40 -12.04 -10.75 -17.92
CA ASN A 40 -12.62 -11.72 -18.86
C ASN A 40 -11.83 -13.04 -18.85
N VAL A 41 -10.51 -12.99 -18.78
CA VAL A 41 -9.69 -14.22 -18.65
C VAL A 41 -10.06 -15.02 -17.40
N VAL A 42 -9.99 -14.39 -16.23
CA VAL A 42 -10.28 -15.11 -15.00
C VAL A 42 -11.75 -15.59 -14.91
N ASN A 43 -12.66 -14.92 -15.61
CA ASN A 43 -14.04 -15.42 -15.66
C ASN A 43 -14.21 -16.79 -16.35
N GLN A 44 -13.29 -17.14 -17.23
CA GLN A 44 -13.33 -18.45 -17.91
C GLN A 44 -12.65 -19.55 -17.10
N THR A 45 -11.64 -19.14 -16.32
CA THR A 45 -10.72 -20.07 -15.66
C THR A 45 -11.04 -20.28 -14.18
N ASN A 46 -11.88 -19.41 -13.63
CA ASN A 46 -12.21 -19.48 -12.22
C ASN A 46 -13.66 -19.13 -12.03
N GLU A 47 -14.17 -19.42 -10.84
CA GLU A 47 -15.59 -19.29 -10.58
C GLU A 47 -15.84 -19.03 -9.10
N GLY A 48 -16.83 -18.15 -8.83
CA GLY A 48 -17.22 -17.83 -7.47
C GLY A 48 -18.52 -18.51 -7.06
N LEU A 49 -19.20 -17.91 -6.08
CA LEU A 49 -20.44 -18.45 -5.53
C LEU A 49 -21.58 -18.40 -6.55
N TYR A 50 -21.59 -17.36 -7.39
CA TYR A 50 -22.61 -17.15 -8.41
C TYR A 50 -21.90 -16.88 -9.72
N ALA A 51 -22.62 -17.05 -10.82
CA ALA A 51 -22.16 -16.64 -12.12
C ALA A 51 -23.39 -16.25 -12.94
N LEU A 52 -23.27 -15.21 -13.78
CA LEU A 52 -24.38 -14.74 -14.63
C LEU A 52 -24.83 -15.84 -15.58
N ASP A 53 -26.15 -16.06 -15.61
CA ASP A 53 -26.77 -17.02 -16.50
C ASP A 53 -27.10 -16.39 -17.87
N LYS A 54 -27.73 -17.18 -18.74
CA LYS A 54 -28.02 -16.74 -20.10
C LYS A 54 -28.91 -15.49 -20.19
N ASP A 55 -29.70 -15.22 -19.16
CA ASP A 55 -30.52 -14.00 -19.09
C ASP A 55 -29.88 -12.82 -18.36
N GLY A 56 -28.61 -12.94 -17.97
CA GLY A 56 -27.92 -11.87 -17.24
C GLY A 56 -28.22 -11.81 -15.76
N ILE A 57 -28.77 -12.88 -15.20
CA ILE A 57 -29.09 -12.94 -13.78
C ILE A 57 -28.06 -13.80 -13.06
N PRO A 58 -27.52 -13.32 -11.91
CA PRO A 58 -26.65 -14.21 -11.17
C PRO A 58 -27.37 -15.46 -10.72
N ALA A 59 -26.72 -16.60 -10.94
CA ALA A 59 -27.26 -17.91 -10.58
C ALA A 59 -26.19 -18.64 -9.78
N ILE A 60 -26.61 -19.51 -8.86
CA ILE A 60 -25.65 -20.25 -8.08
C ILE A 60 -24.68 -21.02 -8.98
N ALA A 61 -23.40 -20.97 -8.60
CA ALA A 61 -22.31 -21.63 -9.31
C ALA A 61 -21.50 -22.44 -8.28
N GLY A 62 -20.62 -21.79 -7.50
CA GLY A 62 -19.89 -22.47 -6.43
C GLY A 62 -20.78 -22.83 -5.24
N ALA A 63 -21.91 -22.14 -5.11
CA ALA A 63 -22.88 -22.43 -4.07
C ALA A 63 -23.72 -23.59 -4.53
N ALA A 64 -23.89 -24.58 -3.65
CA ALA A 64 -24.62 -25.82 -3.96
C ALA A 64 -26.13 -25.62 -4.05
N GLU A 65 -26.66 -24.63 -3.33
CA GLU A 65 -28.08 -24.33 -3.34
C GLU A 65 -28.33 -22.88 -2.95
N GLU A 66 -29.59 -22.45 -3.06
CA GLU A 66 -30.02 -21.08 -2.69
C GLU A 66 -29.71 -20.84 -1.22
N PRO A 67 -29.04 -19.73 -0.88
CA PRO A 67 -28.67 -19.52 0.53
C PRO A 67 -29.86 -19.33 1.46
N LYS A 68 -29.63 -19.62 2.73
CA LYS A 68 -30.54 -19.20 3.78
C LYS A 68 -30.19 -17.74 4.10
N ILE A 69 -31.19 -16.87 4.13
CA ILE A 69 -30.96 -15.45 4.39
C ILE A 69 -31.78 -14.96 5.59
N SER A 70 -31.16 -14.21 6.50
CA SER A 70 -31.87 -13.68 7.68
C SER A 70 -32.99 -12.72 7.28
N ASP A 71 -33.95 -12.54 8.19
CA ASP A 71 -35.10 -11.63 8.00
C ASP A 71 -34.69 -10.21 7.59
N ASP A 72 -33.67 -9.65 8.27
CA ASP A 72 -33.16 -8.32 7.92
C ASP A 72 -32.24 -8.28 6.67
N LYS A 73 -31.99 -9.44 6.04
CA LYS A 73 -31.24 -9.54 4.77
C LYS A 73 -29.77 -9.11 4.87
N THR A 74 -29.18 -9.38 6.02
CA THR A 74 -27.76 -9.11 6.23
C THR A 74 -26.90 -10.32 6.51
N VAL A 75 -27.49 -11.48 6.80
CA VAL A 75 -26.71 -12.65 7.10
C VAL A 75 -27.11 -13.76 6.12
N TYR A 76 -26.10 -14.22 5.37
CA TYR A 76 -26.26 -15.21 4.33
C TYR A 76 -25.52 -16.48 4.73
N THR A 77 -26.23 -17.59 4.86
CA THR A 77 -25.65 -18.90 5.17
C THR A 77 -25.65 -19.75 3.89
N ILE A 78 -24.46 -20.07 3.40
CA ILE A 78 -24.27 -20.58 2.03
C ILE A 78 -23.58 -21.93 2.05
N LYS A 79 -24.23 -22.93 1.47
CA LYS A 79 -23.65 -24.27 1.35
C LYS A 79 -22.89 -24.31 0.04
N LEU A 80 -21.70 -24.90 0.08
CA LEU A 80 -20.81 -24.96 -1.08
C LEU A 80 -20.88 -26.32 -1.76
N ARG A 81 -20.59 -26.35 -3.06
CA ARG A 81 -20.51 -27.61 -3.79
C ARG A 81 -19.45 -28.52 -3.18
N GLU A 82 -19.79 -29.76 -2.91
CA GLU A 82 -18.82 -30.72 -2.38
C GLU A 82 -18.07 -31.47 -3.46
N ASP A 83 -18.42 -31.21 -4.73
CA ASP A 83 -17.71 -31.81 -5.88
C ASP A 83 -16.81 -30.83 -6.64
N ALA A 84 -16.67 -29.60 -6.14
CA ALA A 84 -15.81 -28.61 -6.78
C ALA A 84 -14.34 -28.83 -6.40
N LYS A 85 -13.49 -28.81 -7.42
CA LYS A 85 -12.07 -29.06 -7.28
C LYS A 85 -11.24 -27.97 -7.94
N TRP A 86 -10.05 -27.75 -7.38
CA TRP A 86 -9.00 -27.00 -8.05
C TRP A 86 -8.31 -27.88 -9.08
N SER A 87 -7.64 -27.24 -10.04
CA SER A 87 -7.00 -27.96 -11.15
C SER A 87 -5.80 -28.84 -10.73
N ASN A 88 -5.34 -28.70 -9.48
CA ASN A 88 -4.38 -29.63 -8.87
C ASN A 88 -5.06 -30.73 -8.03
N GLY A 89 -6.38 -30.86 -8.13
CA GLY A 89 -7.11 -31.86 -7.34
C GLY A 89 -7.54 -31.48 -5.93
N ASP A 90 -6.98 -30.41 -5.34
CA ASP A 90 -7.43 -29.96 -3.99
C ASP A 90 -8.92 -29.61 -4.06
N PRO A 91 -9.71 -29.98 -3.02
CA PRO A 91 -11.11 -29.53 -3.03
C PRO A 91 -11.23 -28.01 -2.83
N VAL A 92 -12.28 -27.42 -3.39
CA VAL A 92 -12.62 -26.03 -3.16
C VAL A 92 -13.46 -26.01 -1.89
N THR A 93 -12.97 -25.30 -0.87
CA THR A 93 -13.61 -25.31 0.45
C THR A 93 -13.92 -23.88 0.90
N ALA A 94 -14.66 -23.76 2.01
CA ALA A 94 -15.00 -22.45 2.58
C ALA A 94 -13.77 -21.64 2.92
N ASN A 95 -12.69 -22.32 3.28
CA ASN A 95 -11.42 -21.66 3.64
C ASN A 95 -10.83 -20.86 2.49
N ASP A 96 -11.09 -21.29 1.25
CA ASP A 96 -10.59 -20.60 0.08
C ASP A 96 -11.28 -19.25 -0.13
N TYR A 97 -12.56 -19.19 0.25
CA TYR A 97 -13.28 -17.93 0.17
C TYR A 97 -12.87 -16.99 1.29
N VAL A 98 -12.74 -17.54 2.49
CA VAL A 98 -12.29 -16.74 3.62
C VAL A 98 -10.93 -16.14 3.31
N TYR A 99 -10.01 -16.99 2.86
CA TYR A 99 -8.68 -16.52 2.49
C TYR A 99 -8.73 -15.40 1.46
N SER A 100 -9.46 -15.59 0.36
CA SER A 100 -9.41 -14.60 -0.74
C SER A 100 -10.13 -13.28 -0.43
N TRP A 101 -11.22 -13.33 0.31
CA TRP A 101 -11.88 -12.08 0.70
C TRP A 101 -10.99 -11.31 1.70
N ARG A 102 -10.35 -12.02 2.64
CA ARG A 102 -9.41 -11.34 3.51
C ARG A 102 -8.24 -10.76 2.69
N ARG A 103 -7.76 -11.50 1.68
CA ARG A 103 -6.71 -11.00 0.79
C ARG A 103 -7.12 -9.70 0.11
N ALA A 104 -8.36 -9.64 -0.38
CA ALA A 104 -8.87 -8.47 -1.07
C ALA A 104 -8.91 -7.21 -0.22
N VAL A 105 -9.26 -7.34 1.06
CA VAL A 105 -9.34 -6.17 1.95
C VAL A 105 -8.02 -5.82 2.65
N ASP A 106 -7.11 -6.78 2.65
CA ASP A 106 -5.83 -6.60 3.32
C ASP A 106 -5.08 -5.41 2.70
N PRO A 107 -4.75 -4.39 3.51
CA PRO A 107 -3.97 -3.28 2.95
C PRO A 107 -2.66 -3.67 2.23
N ASN A 108 -1.98 -4.68 2.75
CA ASN A 108 -0.77 -5.22 2.09
C ASN A 108 -0.99 -5.55 0.60
N THR A 109 -2.17 -6.04 0.27
CA THR A 109 -2.49 -6.40 -1.10
C THR A 109 -2.70 -5.18 -2.01
N ALA A 110 -3.24 -4.09 -1.44
CA ALA A 110 -3.52 -2.87 -2.20
C ALA A 110 -4.33 -3.16 -3.46
N ALA A 111 -5.36 -3.98 -3.29
CA ALA A 111 -6.23 -4.36 -4.40
C ALA A 111 -7.13 -3.20 -4.70
N THR A 112 -7.19 -2.77 -5.96
CA THR A 112 -7.96 -1.58 -6.29
C THR A 112 -9.46 -1.78 -6.04
N TYR A 113 -9.95 -3.02 -6.11
CA TYR A 113 -11.37 -3.30 -5.89
C TYR A 113 -11.71 -3.59 -4.42
N SER A 114 -10.77 -3.33 -3.52
CA SER A 114 -11.05 -3.58 -2.10
C SER A 114 -12.32 -2.84 -1.61
N TYR A 115 -12.64 -1.69 -2.24
CA TYR A 115 -13.81 -0.91 -1.88
C TYR A 115 -15.17 -1.64 -2.09
N LEU A 116 -15.21 -2.64 -2.98
CA LEU A 116 -16.42 -3.42 -3.17
C LEU A 116 -16.81 -4.19 -1.90
N PHE A 117 -15.81 -4.47 -1.06
CA PHE A 117 -16.05 -5.17 0.19
C PHE A 117 -16.64 -4.29 1.30
N ASP A 118 -16.89 -3.02 1.02
CA ASP A 118 -17.74 -2.18 1.87
C ASP A 118 -19.11 -2.82 2.15
N ALA A 119 -19.59 -3.61 1.20
CA ALA A 119 -20.82 -4.40 1.36
C ALA A 119 -20.72 -5.48 2.46
N ILE A 120 -19.49 -5.91 2.80
CA ILE A 120 -19.26 -6.98 3.79
C ILE A 120 -18.93 -6.32 5.14
N LYS A 121 -19.44 -6.92 6.20
CA LYS A 121 -19.27 -6.40 7.55
C LYS A 121 -17.77 -6.19 7.81
N ASN A 122 -17.43 -5.00 8.27
CA ASN A 122 -16.05 -4.57 8.58
C ASN A 122 -15.12 -4.35 7.39
N GLY A 123 -15.59 -4.55 6.16
CA GLY A 123 -14.71 -4.39 5.00
C GLY A 123 -14.06 -3.01 4.90
N GLY A 124 -14.88 -1.97 5.05
CA GLY A 124 -14.41 -0.59 5.04
C GLY A 124 -13.32 -0.33 6.06
N ASP A 125 -13.59 -0.74 7.30
CA ASP A 125 -12.64 -0.57 8.41
C ASP A 125 -11.31 -1.28 8.17
N ILE A 126 -11.36 -2.46 7.56
CA ILE A 126 -10.15 -3.23 7.32
C ILE A 126 -9.28 -2.56 6.23
N VAL A 127 -9.92 -2.09 5.17
CA VAL A 127 -9.21 -1.38 4.09
C VAL A 127 -8.49 -0.15 4.63
N ALA A 128 -9.14 0.55 5.56
CA ALA A 128 -8.56 1.71 6.23
C ALA A 128 -7.56 1.37 7.35
N GLY A 129 -7.29 0.09 7.61
CA GLY A 129 -6.35 -0.32 8.66
C GLY A 129 -6.85 -0.15 10.08
N LYS A 130 -8.17 -0.03 10.26
CA LYS A 130 -8.83 0.14 11.59
C LYS A 130 -9.18 -1.19 12.27
N LYS A 131 -9.26 -2.25 11.48
CA LYS A 131 -9.50 -3.59 11.99
C LYS A 131 -8.64 -4.56 11.20
N LYS A 132 -8.44 -5.74 11.76
CA LYS A 132 -7.62 -6.76 11.12
C LYS A 132 -8.42 -7.47 10.01
N PRO A 133 -7.74 -7.88 8.91
CA PRO A 133 -8.48 -8.65 7.89
C PRO A 133 -9.30 -9.83 8.43
N GLU A 134 -8.82 -10.50 9.48
CA GLU A 134 -9.59 -11.60 10.09
C GLU A 134 -10.98 -11.19 10.68
N GLU A 135 -11.22 -9.90 10.85
CA GLU A 135 -12.51 -9.43 11.33
C GLU A 135 -13.58 -9.33 10.25
N LEU A 136 -13.23 -9.59 8.99
CA LEU A 136 -14.15 -9.48 7.88
C LEU A 136 -15.34 -10.42 8.08
N GLY A 137 -16.52 -9.96 7.67
CA GLY A 137 -17.75 -10.70 7.84
C GLY A 137 -17.93 -11.90 6.93
N ILE A 138 -16.93 -12.78 6.89
CA ILE A 138 -17.06 -14.10 6.26
C ILE A 138 -16.40 -15.12 7.19
N LYS A 139 -17.12 -16.20 7.47
CA LYS A 139 -16.75 -17.28 8.37
C LYS A 139 -16.91 -18.62 7.66
N ALA A 140 -15.93 -19.51 7.83
CA ALA A 140 -16.07 -20.89 7.44
C ALA A 140 -16.72 -21.59 8.62
N VAL A 141 -18.02 -21.82 8.51
CA VAL A 141 -18.77 -22.54 9.53
C VAL A 141 -18.26 -24.01 9.58
N ASP A 142 -18.04 -24.58 8.40
CA ASP A 142 -17.32 -25.83 8.26
C ASP A 142 -16.68 -25.79 6.86
N ASP A 143 -16.03 -26.87 6.42
CA ASP A 143 -15.31 -26.82 5.15
C ASP A 143 -16.20 -26.56 3.92
N TYR A 144 -17.50 -26.82 4.02
CA TYR A 144 -18.42 -26.58 2.90
C TYR A 144 -19.60 -25.65 3.22
N THR A 145 -19.45 -24.80 4.24
CA THR A 145 -20.49 -23.82 4.62
C THR A 145 -19.87 -22.48 4.99
N LEU A 146 -20.37 -21.42 4.37
CA LEU A 146 -20.02 -20.04 4.71
C LEU A 146 -21.17 -19.33 5.40
N GLU A 147 -20.80 -18.45 6.34
CA GLU A 147 -21.69 -17.44 6.82
C GLU A 147 -21.10 -16.09 6.43
N VAL A 148 -21.82 -15.36 5.57
CA VAL A 148 -21.42 -14.00 5.14
C VAL A 148 -22.35 -13.00 5.80
N THR A 149 -21.77 -12.01 6.46
CA THR A 149 -22.53 -10.96 7.12
C THR A 149 -22.26 -9.66 6.36
N LEU A 150 -23.33 -9.02 5.89
CA LEU A 150 -23.19 -7.79 5.13
C LEU A 150 -23.14 -6.61 6.09
N SER A 151 -22.66 -5.48 5.60
CA SER A 151 -22.66 -4.25 6.38
C SER A 151 -24.07 -3.66 6.44
N LYS A 152 -24.86 -3.91 5.40
CA LYS A 152 -26.25 -3.49 5.33
C LYS A 152 -26.89 -4.27 4.19
N PRO A 153 -28.24 -4.28 4.10
CA PRO A 153 -28.85 -4.95 2.96
C PRO A 153 -28.29 -4.41 1.64
N THR A 154 -27.98 -5.31 0.71
CA THR A 154 -27.30 -4.98 -0.52
C THR A 154 -28.03 -5.73 -1.65
N ALA A 155 -28.87 -5.01 -2.38
CA ALA A 155 -29.71 -5.62 -3.41
C ALA A 155 -28.91 -6.35 -4.50
N TYR A 156 -27.69 -5.91 -4.79
CA TYR A 156 -26.86 -6.46 -5.88
C TYR A 156 -25.79 -7.42 -5.35
N ILE A 157 -25.95 -7.90 -4.11
CA ILE A 157 -24.95 -8.75 -3.50
C ILE A 157 -24.61 -9.99 -4.35
N ASN A 158 -25.61 -10.58 -5.00
CA ASN A 158 -25.32 -11.75 -5.83
C ASN A 158 -24.47 -11.40 -7.07
N SER A 159 -24.57 -10.17 -7.55
CA SER A 159 -23.68 -9.68 -8.64
C SER A 159 -22.24 -9.53 -8.15
N LEU A 160 -22.07 -9.09 -6.90
CA LEU A 160 -20.73 -9.10 -6.29
C LEU A 160 -20.20 -10.52 -6.18
N PHE A 161 -21.03 -11.46 -5.72
CA PHE A 161 -20.61 -12.87 -5.61
C PHE A 161 -20.21 -13.46 -6.99
N ALA A 162 -20.73 -12.90 -8.06
CA ALA A 162 -20.37 -13.29 -9.42
C ALA A 162 -19.17 -12.50 -9.99
N PHE A 163 -18.55 -11.64 -9.19
CA PHE A 163 -17.48 -10.77 -9.67
C PHE A 163 -16.11 -11.32 -9.22
N PRO A 164 -15.10 -11.29 -10.11
CA PRO A 164 -13.85 -12.01 -9.78
C PRO A 164 -13.16 -11.73 -8.44
N THR A 165 -13.27 -10.52 -7.91
CA THR A 165 -12.64 -10.17 -6.63
C THR A 165 -13.17 -11.02 -5.47
N PHE A 166 -14.38 -11.53 -5.61
CA PHE A 166 -15.04 -12.38 -4.63
C PHE A 166 -14.89 -13.90 -4.92
N PHE A 167 -14.11 -14.27 -5.94
CA PHE A 167 -13.82 -15.67 -6.22
C PHE A 167 -12.91 -16.23 -5.13
N PRO A 168 -12.96 -17.54 -4.87
CA PRO A 168 -12.02 -18.19 -3.95
C PRO A 168 -10.61 -18.30 -4.53
N LEU A 169 -9.64 -18.43 -3.62
CA LEU A 169 -8.25 -18.71 -3.97
C LEU A 169 -7.71 -19.80 -3.05
N ASN A 170 -6.82 -20.60 -3.62
CA ASN A 170 -6.14 -21.65 -2.90
C ASN A 170 -4.93 -21.09 -2.14
N GLU A 171 -5.07 -20.91 -0.82
CA GLU A 171 -4.03 -20.23 -0.02
C GLU A 171 -2.67 -20.89 -0.15
N LYS A 172 -2.66 -22.21 -0.11
CA LYS A 172 -1.41 -22.95 -0.20
C LYS A 172 -0.67 -22.66 -1.51
N PHE A 173 -1.40 -22.69 -2.60
CA PHE A 173 -0.82 -22.41 -3.90
C PHE A 173 -0.35 -20.96 -4.05
N VAL A 174 -1.20 -20.00 -3.67
CA VAL A 174 -0.87 -18.58 -3.75
C VAL A 174 0.37 -18.28 -2.94
N THR A 175 0.42 -18.83 -1.72
CA THR A 175 1.56 -18.63 -0.83
C THR A 175 2.86 -19.20 -1.42
N GLU A 176 2.82 -20.43 -1.90
CA GLU A 176 3.95 -21.08 -2.57
C GLU A 176 4.53 -20.28 -3.74
N LYS A 177 3.69 -19.65 -4.55
CA LYS A 177 4.19 -18.87 -5.69
C LYS A 177 4.73 -17.50 -5.33
N GLY A 178 4.39 -16.99 -4.14
CA GLY A 178 4.85 -15.67 -3.68
C GLY A 178 4.64 -14.55 -4.69
N GLU A 179 5.66 -13.72 -4.92
CA GLU A 179 5.50 -12.60 -5.85
C GLU A 179 5.33 -12.98 -7.33
N LYS A 180 5.61 -14.24 -7.68
CA LYS A 180 5.31 -14.71 -9.04
C LYS A 180 3.86 -15.23 -9.23
N TYR A 181 3.04 -15.21 -8.17
CA TYR A 181 1.66 -15.68 -8.30
C TYR A 181 0.93 -14.96 -9.44
N ALA A 182 0.28 -15.74 -10.30
CA ALA A 182 -0.49 -15.22 -11.46
C ALA A 182 0.31 -14.40 -12.49
N GLN A 183 1.62 -14.54 -12.50
CA GLN A 183 2.43 -13.79 -13.46
C GLN A 183 2.50 -14.51 -14.80
N ASN A 184 2.06 -15.76 -14.83
CA ASN A 184 1.95 -16.54 -16.06
C ASN A 184 0.96 -17.68 -15.79
N SER A 185 0.59 -18.45 -16.80
CA SER A 185 -0.41 -19.50 -16.63
C SER A 185 0.06 -20.69 -15.80
N ASP A 186 1.39 -20.92 -15.73
CA ASP A 186 1.95 -21.92 -14.79
C ASP A 186 1.79 -21.54 -13.33
N ASN A 187 1.61 -20.24 -13.06
CA ASN A 187 1.46 -19.74 -11.69
C ASN A 187 0.03 -19.34 -11.30
N MET A 188 -0.94 -20.01 -11.94
CA MET A 188 -2.34 -19.90 -11.62
C MET A 188 -2.92 -21.28 -11.37
N LEU A 189 -3.96 -21.33 -10.53
CA LEU A 189 -4.84 -22.51 -10.35
C LEU A 189 -6.25 -22.19 -10.80
N PHE A 190 -6.95 -23.20 -11.31
CA PHE A 190 -8.22 -23.03 -12.00
C PHE A 190 -9.33 -23.83 -11.32
N ASN A 191 -10.50 -23.21 -11.19
CA ASN A 191 -11.69 -23.91 -10.72
C ASN A 191 -12.89 -23.62 -11.60
N GLY A 192 -12.64 -23.12 -12.82
CA GLY A 192 -13.70 -22.73 -13.73
C GLY A 192 -13.76 -23.68 -14.92
N PRO A 193 -14.59 -23.36 -15.93
CA PRO A 193 -14.73 -24.23 -17.11
C PRO A 193 -13.47 -24.53 -17.90
N PHE A 194 -12.51 -23.60 -17.88
CA PHE A 194 -11.30 -23.70 -18.67
C PHE A 194 -10.04 -23.54 -17.80
N GLU A 195 -8.96 -24.18 -18.23
CA GLU A 195 -7.63 -23.86 -17.76
C GLU A 195 -6.98 -22.88 -18.75
N LEU A 196 -6.12 -21.99 -18.25
CA LEU A 196 -5.29 -21.12 -19.09
C LEU A 196 -3.95 -21.80 -19.36
N LYS A 197 -3.51 -21.77 -20.61
CA LYS A 197 -2.23 -22.31 -21.03
C LYS A 197 -1.55 -21.29 -21.94
N ASP A 198 -0.24 -21.44 -22.08
CA ASP A 198 0.57 -20.73 -23.08
C ASP A 198 0.73 -19.24 -22.83
N TRP A 199 0.37 -18.74 -21.66
CA TRP A 199 0.51 -17.33 -21.35
C TRP A 199 1.79 -17.22 -20.52
N THR A 200 2.76 -16.47 -21.04
CA THR A 200 4.06 -16.22 -20.36
C THR A 200 4.01 -15.06 -19.39
N GLY A 201 2.91 -14.32 -19.38
CA GLY A 201 2.82 -13.07 -18.64
C GLY A 201 2.89 -11.82 -19.49
N THR A 202 3.62 -11.90 -20.61
CA THR A 202 3.89 -10.73 -21.43
C THR A 202 3.80 -10.99 -22.93
N ASN A 203 3.18 -12.09 -23.34
CA ASN A 203 3.13 -12.48 -24.75
C ASN A 203 1.76 -12.20 -25.36
N LYS A 204 1.69 -12.36 -26.68
CA LYS A 204 0.54 -11.94 -27.47
C LYS A 204 -0.44 -13.05 -27.83
N LYS A 205 -0.29 -14.22 -27.19
CA LYS A 205 -1.15 -15.36 -27.38
C LYS A 205 -1.41 -16.03 -26.04
N TRP A 206 -2.59 -16.63 -25.92
CA TRP A 206 -2.91 -17.49 -24.81
C TRP A 206 -4.05 -18.38 -25.21
N THR A 207 -4.31 -19.40 -24.39
CA THR A 207 -5.18 -20.51 -24.73
C THR A 207 -6.05 -20.92 -23.55
N TYR A 208 -7.32 -21.21 -23.83
CA TYR A 208 -8.22 -21.79 -22.85
C TYR A 208 -8.39 -23.23 -23.26
N VAL A 209 -8.25 -24.15 -22.31
CA VAL A 209 -8.49 -25.56 -22.60
C VAL A 209 -9.53 -26.06 -21.62
N LYS A 210 -10.49 -26.84 -22.12
CA LYS A 210 -11.54 -27.40 -21.26
C LYS A 210 -10.93 -28.06 -20.02
N ASN A 211 -11.43 -27.67 -18.85
CA ASN A 211 -10.93 -28.14 -17.56
C ASN A 211 -11.61 -29.46 -17.21
N ASP A 212 -10.85 -30.55 -17.22
CA ASP A 212 -11.38 -31.87 -16.88
C ASP A 212 -11.71 -32.05 -15.39
N LYS A 213 -11.24 -31.14 -14.54
CA LYS A 213 -11.60 -31.17 -13.10
C LYS A 213 -12.69 -30.15 -12.71
N TYR A 214 -13.29 -29.49 -13.69
CA TYR A 214 -14.42 -28.59 -13.43
C TYR A 214 -15.68 -29.40 -13.13
N TRP A 215 -16.39 -29.02 -12.06
CA TRP A 215 -17.58 -29.76 -11.60
C TRP A 215 -18.68 -29.85 -12.67
N ASP A 216 -18.80 -28.82 -13.50
CA ASP A 216 -19.85 -28.79 -14.54
C ASP A 216 -19.28 -28.99 -15.97
N LYS A 217 -18.23 -29.80 -16.07
CA LYS A 217 -17.52 -29.98 -17.34
C LYS A 217 -18.37 -30.60 -18.45
N ASP A 218 -19.40 -31.37 -18.08
CA ASP A 218 -20.29 -31.98 -19.09
C ASP A 218 -21.10 -30.93 -19.91
N LYS A 219 -21.25 -29.72 -19.40
CA LYS A 219 -21.87 -28.65 -20.16
C LYS A 219 -20.89 -27.84 -21.01
N VAL A 220 -19.59 -28.07 -20.86
CA VAL A 220 -18.58 -27.35 -21.63
C VAL A 220 -18.36 -28.13 -22.92
N LYS A 221 -18.53 -27.46 -24.05
CA LYS A 221 -18.46 -28.11 -25.38
C LYS A 221 -17.20 -27.80 -26.16
N LEU A 222 -16.64 -26.62 -25.96
CA LEU A 222 -15.38 -26.24 -26.60
C LEU A 222 -14.22 -26.96 -25.93
N LYS A 223 -13.42 -27.66 -26.71
CA LYS A 223 -12.21 -28.25 -26.14
C LYS A 223 -11.08 -27.21 -25.98
N GLN A 224 -11.05 -26.17 -26.83
CA GLN A 224 -9.95 -25.22 -26.87
C GLN A 224 -10.39 -23.88 -27.47
N ILE A 225 -9.95 -22.79 -26.85
CA ILE A 225 -10.20 -21.43 -27.35
C ILE A 225 -8.83 -20.77 -27.47
N ASN A 226 -8.45 -20.39 -28.68
CA ASN A 226 -7.16 -19.76 -28.95
C ASN A 226 -7.37 -18.26 -29.07
N VAL A 227 -6.54 -17.50 -28.38
CA VAL A 227 -6.62 -16.04 -28.40
C VAL A 227 -5.30 -15.45 -28.85
N GLN A 228 -5.37 -14.47 -29.75
CA GLN A 228 -4.18 -13.70 -30.17
C GLN A 228 -4.48 -12.21 -30.12
N VAL A 229 -3.45 -11.44 -29.80
CA VAL A 229 -3.57 -10.00 -29.79
C VAL A 229 -3.50 -9.44 -31.21
N VAL A 230 -4.52 -8.64 -31.57
CA VAL A 230 -4.59 -7.97 -32.88
C VAL A 230 -5.04 -6.55 -32.59
N GLN A 231 -4.33 -5.57 -33.12
CA GLN A 231 -4.55 -4.17 -32.76
C GLN A 231 -4.87 -3.27 -33.93
N ASP A 232 -5.23 -3.88 -35.05
CA ASP A 232 -5.73 -3.14 -36.19
C ASP A 232 -6.70 -4.01 -36.98
N SER A 233 -7.76 -3.39 -37.45
CA SER A 233 -8.87 -4.10 -38.06
C SER A 233 -8.50 -4.79 -39.37
N GLY A 234 -7.56 -4.22 -40.10
CA GLY A 234 -7.09 -4.81 -41.35
C GLY A 234 -6.48 -6.17 -41.13
N THR A 235 -5.60 -6.26 -40.15
CA THR A 235 -4.97 -7.52 -39.81
C THR A 235 -6.04 -8.54 -39.39
N GLY A 236 -6.92 -8.11 -38.49
CA GLY A 236 -8.04 -8.92 -38.02
C GLY A 236 -8.91 -9.44 -39.15
N LEU A 237 -9.27 -8.54 -40.06
CA LEU A 237 -10.14 -8.88 -41.18
C LEU A 237 -9.50 -9.93 -42.11
N ASN A 238 -8.22 -9.77 -42.42
CA ASN A 238 -7.51 -10.75 -43.23
C ASN A 238 -7.48 -12.14 -42.56
N LEU A 239 -7.31 -12.17 -41.24
CA LEU A 239 -7.30 -13.42 -40.49
C LEU A 239 -8.70 -14.07 -40.52
N TYR A 240 -9.74 -13.25 -40.40
CA TYR A 240 -11.13 -13.70 -40.50
C TYR A 240 -11.44 -14.28 -41.90
N ASN A 241 -11.00 -13.60 -42.94
CA ASN A 241 -11.25 -14.03 -44.33
C ASN A 241 -10.42 -15.21 -44.76
N THR A 242 -9.32 -15.49 -44.06
CA THR A 242 -8.52 -16.70 -44.29
C THR A 242 -8.81 -17.79 -43.25
N ASP A 243 -9.93 -17.64 -42.52
CA ASP A 243 -10.42 -18.61 -41.52
C ASP A 243 -9.48 -18.91 -40.36
N LYS A 244 -8.63 -17.95 -40.00
CA LYS A 244 -7.70 -18.08 -38.87
C LYS A 244 -8.30 -17.55 -37.59
N VAL A 245 -9.29 -16.67 -37.69
CA VAL A 245 -10.09 -16.27 -36.52
C VAL A 245 -11.55 -16.33 -36.89
N ASP A 246 -12.39 -16.52 -35.88
CA ASP A 246 -13.82 -16.69 -36.05
C ASP A 246 -14.66 -15.46 -35.73
N ARG A 247 -14.02 -14.44 -35.17
CA ARG A 247 -14.67 -13.21 -34.75
C ARG A 247 -13.60 -12.13 -34.73
N THR A 248 -13.88 -10.96 -35.30
CA THR A 248 -12.90 -9.90 -35.37
C THR A 248 -13.53 -8.51 -35.19
N VAL A 249 -12.87 -7.66 -34.44
CA VAL A 249 -13.36 -6.32 -34.18
C VAL A 249 -13.14 -5.43 -35.39
N LEU A 250 -14.15 -4.61 -35.72
CA LEU A 250 -14.09 -3.65 -36.83
C LEU A 250 -14.19 -2.26 -36.27
N SER A 251 -13.31 -1.37 -36.70
CA SER A 251 -13.36 0.01 -36.24
C SER A 251 -13.35 0.97 -37.42
N ALA A 252 -13.90 2.17 -37.19
CA ALA A 252 -13.88 3.28 -38.16
C ALA A 252 -14.33 2.80 -39.57
N ASP A 253 -13.55 3.04 -40.62
CA ASP A 253 -13.97 2.65 -41.97
C ASP A 253 -14.16 1.14 -42.18
N TYR A 254 -13.44 0.32 -41.43
CA TYR A 254 -13.65 -1.13 -41.52
C TYR A 254 -15.05 -1.55 -41.03
N ALA A 255 -15.58 -0.86 -40.03
CA ALA A 255 -16.95 -1.12 -39.56
C ALA A 255 -17.92 -0.65 -40.65
N ALA A 256 -17.74 0.61 -41.08
CA ALA A 256 -18.63 1.23 -42.05
C ALA A 256 -18.67 0.45 -43.36
N GLN A 257 -17.52 -0.08 -43.78
CA GLN A 257 -17.43 -0.90 -45.01
C GLN A 257 -18.02 -2.30 -44.90
N ASN A 258 -18.26 -2.76 -43.68
CA ASN A 258 -18.78 -4.10 -43.45
C ASN A 258 -20.13 -4.12 -42.75
N LYS A 259 -20.74 -2.95 -42.53
CA LYS A 259 -21.97 -2.85 -41.74
C LYS A 259 -23.17 -3.55 -42.40
N ASN A 260 -23.13 -3.73 -43.73
CA ASN A 260 -24.20 -4.42 -44.47
C ASN A 260 -23.89 -5.91 -44.75
N ASN A 261 -22.81 -6.44 -44.16
CA ASN A 261 -22.43 -7.84 -44.28
C ASN A 261 -23.30 -8.71 -43.37
N LYS A 262 -23.69 -9.87 -43.88
CA LYS A 262 -24.51 -10.84 -43.16
C LYS A 262 -23.95 -11.16 -41.77
N ASP A 263 -22.62 -11.19 -41.64
CA ASP A 263 -21.96 -11.59 -40.40
C ASP A 263 -21.60 -10.43 -39.45
N TYR A 264 -21.98 -9.22 -39.81
CA TYR A 264 -21.73 -8.04 -38.98
C TYR A 264 -22.63 -8.11 -37.75
N VAL A 265 -22.06 -7.81 -36.61
CA VAL A 265 -22.83 -7.75 -35.37
C VAL A 265 -22.35 -6.55 -34.57
N THR A 266 -23.24 -6.04 -33.72
CA THR A 266 -22.95 -4.91 -32.85
C THR A 266 -23.26 -5.35 -31.43
N VAL A 267 -22.37 -5.00 -30.51
CA VAL A 267 -22.53 -5.32 -29.11
C VAL A 267 -22.58 -3.99 -28.36
N ASN A 268 -23.67 -3.74 -27.62
CA ASN A 268 -23.78 -2.59 -26.71
C ASN A 268 -23.14 -3.00 -25.40
N ASN A 269 -22.07 -2.31 -25.03
CA ASN A 269 -21.30 -2.67 -23.86
C ASN A 269 -21.79 -1.99 -22.56
N SER A 270 -22.77 -1.07 -22.65
CA SER A 270 -23.20 -0.21 -21.51
C SER A 270 -22.01 0.41 -20.74
N SER A 271 -20.99 0.79 -21.50
N SER A 271 -20.96 0.76 -21.48
CA SER A 271 -19.76 1.33 -20.98
CA SER A 271 -19.76 1.33 -20.91
C SER A 271 -19.65 2.78 -21.43
C SER A 271 -19.62 2.75 -21.42
N THR A 272 -18.99 3.59 -20.61
CA THR A 272 -18.80 5.00 -20.89
C THR A 272 -17.29 5.29 -20.98
N PHE A 273 -16.89 5.97 -22.06
CA PHE A 273 -15.54 6.44 -22.24
C PHE A 273 -15.52 7.94 -21.95
N TYR A 274 -14.52 8.37 -21.20
CA TYR A 274 -14.49 9.72 -20.69
C TYR A 274 -13.07 10.19 -20.61
N ILE A 275 -12.92 11.51 -20.64
CA ILE A 275 -11.65 12.17 -20.41
C ILE A 275 -11.44 12.28 -18.89
N LYS A 276 -10.31 11.79 -18.40
CA LYS A 276 -9.86 12.07 -17.04
C LYS A 276 -8.91 13.26 -16.97
N PHE A 277 -9.15 14.16 -16.02
CA PHE A 277 -8.33 15.36 -15.81
C PHE A 277 -7.51 15.18 -14.54
N ASN A 278 -6.24 14.84 -14.66
CA ASN A 278 -5.38 14.70 -13.49
C ASN A 278 -5.01 16.08 -12.96
N GLN A 279 -5.38 16.33 -11.72
CA GLN A 279 -5.14 17.63 -11.10
C GLN A 279 -3.79 17.74 -10.38
N LYS A 280 -3.09 16.63 -10.20
CA LYS A 280 -1.81 16.64 -9.48
C LYS A 280 -0.91 15.53 -9.97
N ARG A 281 0.31 15.89 -10.36
CA ARG A 281 1.24 14.95 -10.93
C ARG A 281 2.61 15.17 -10.28
N ALA A 282 3.22 14.09 -9.82
CA ALA A 282 4.48 14.16 -9.10
C ALA A 282 4.47 15.17 -7.93
N GLY A 283 3.32 15.26 -7.24
CA GLY A 283 3.16 16.15 -6.09
C GLY A 283 2.86 17.62 -6.36
N LYS A 284 2.72 17.99 -7.64
CA LYS A 284 2.54 19.39 -8.05
C LYS A 284 1.22 19.52 -8.81
N ASP A 285 0.47 20.58 -8.53
CA ASP A 285 -0.77 20.84 -9.28
C ASP A 285 -0.44 20.91 -10.74
N THR A 286 -1.29 20.34 -11.58
CA THR A 286 -1.20 20.51 -13.03
C THR A 286 -2.15 21.65 -13.42
N VAL A 287 -2.15 22.02 -14.69
CA VAL A 287 -3.12 23.03 -15.18
C VAL A 287 -4.59 22.63 -14.98
N PHE A 288 -4.85 21.32 -14.90
CA PHE A 288 -6.21 20.84 -14.70
C PHE A 288 -6.68 20.95 -13.26
N ALA A 289 -5.82 21.41 -12.36
CA ALA A 289 -6.27 21.88 -11.05
C ALA A 289 -7.19 23.11 -11.19
N ASN A 290 -7.07 23.83 -12.31
CA ASN A 290 -7.96 24.95 -12.65
C ASN A 290 -9.21 24.45 -13.38
N LYS A 291 -10.37 24.74 -12.79
CA LYS A 291 -11.65 24.26 -13.30
C LYS A 291 -11.98 24.82 -14.66
N ASN A 292 -11.66 26.11 -14.86
CA ASN A 292 -11.90 26.71 -16.16
C ASN A 292 -11.15 25.99 -17.28
N ILE A 293 -9.93 25.54 -16.99
CA ILE A 293 -9.12 24.81 -17.96
C ILE A 293 -9.74 23.43 -18.25
N ARG A 294 -10.21 22.72 -17.22
CA ARG A 294 -10.95 21.46 -17.41
C ARG A 294 -12.18 21.66 -18.32
N LYS A 295 -12.94 22.72 -18.03
CA LYS A 295 -14.15 23.07 -18.76
C LYS A 295 -13.84 23.39 -20.23
N ALA A 296 -12.72 24.08 -20.47
CA ALA A 296 -12.31 24.46 -21.83
C ALA A 296 -12.07 23.21 -22.68
N ILE A 297 -11.25 22.28 -22.17
CA ILE A 297 -10.97 21.03 -22.87
C ILE A 297 -12.29 20.24 -23.05
N ALA A 298 -13.09 20.17 -21.99
CA ALA A 298 -14.31 19.35 -21.99
C ALA A 298 -15.28 19.74 -23.08
N LEU A 299 -15.53 21.04 -23.18
CA LEU A 299 -16.55 21.57 -24.06
C LEU A 299 -16.08 21.79 -25.49
N ALA A 300 -14.80 21.55 -25.77
CA ALA A 300 -14.21 21.85 -27.07
C ALA A 300 -14.14 20.63 -28.00
N ILE A 301 -14.74 19.51 -27.61
CA ILE A 301 -14.68 18.28 -28.40
C ILE A 301 -16.04 17.95 -29.01
N ASP A 302 -16.10 18.01 -30.34
CA ASP A 302 -17.31 17.65 -31.06
C ASP A 302 -17.56 16.15 -30.91
N LYS A 303 -18.36 15.80 -29.91
CA LYS A 303 -18.59 14.37 -29.57
C LYS A 303 -19.31 13.63 -30.70
N GLN A 304 -20.24 14.31 -31.37
CA GLN A 304 -21.00 13.69 -32.45
C GLN A 304 -20.06 13.32 -33.59
N SER A 305 -19.22 14.26 -33.99
CA SER A 305 -18.27 14.06 -35.07
C SER A 305 -17.28 12.95 -34.71
N TYR A 306 -16.81 12.97 -33.47
CA TYR A 306 -15.95 11.92 -32.93
C TYR A 306 -16.53 10.53 -33.21
N THR A 307 -17.76 10.29 -32.76
CA THR A 307 -18.36 8.96 -32.95
C THR A 307 -18.63 8.65 -34.42
N ASP A 308 -19.05 9.67 -35.19
CA ASP A 308 -19.30 9.53 -36.65
C ASP A 308 -18.04 9.32 -37.49
N THR A 309 -16.89 9.71 -36.96
CA THR A 309 -15.64 9.72 -37.71
C THR A 309 -14.69 8.63 -37.22
N VAL A 310 -14.45 8.61 -35.92
CA VAL A 310 -13.47 7.69 -35.34
C VAL A 310 -14.02 6.29 -35.08
N LEU A 311 -15.25 6.19 -34.58
CA LEU A 311 -15.81 4.91 -34.14
C LEU A 311 -16.63 4.18 -35.20
N LYS A 312 -17.71 4.82 -35.66
CA LYS A 312 -18.55 4.29 -36.75
C LYS A 312 -19.02 2.86 -36.49
N ASN A 313 -19.38 2.56 -35.25
CA ASN A 313 -19.59 1.17 -34.83
C ASN A 313 -20.82 1.01 -33.97
N GLY A 314 -21.74 1.97 -34.03
CA GLY A 314 -22.88 2.02 -33.13
C GLY A 314 -22.68 2.84 -31.87
N SER A 315 -21.45 3.26 -31.58
CA SER A 315 -21.19 4.08 -30.39
C SER A 315 -21.90 5.40 -30.57
N LYS A 316 -22.32 6.00 -29.47
CA LYS A 316 -22.95 7.32 -29.54
C LYS A 316 -22.43 8.28 -28.48
N PRO A 317 -22.58 9.60 -28.73
CA PRO A 317 -22.12 10.60 -27.76
C PRO A 317 -22.72 10.38 -26.39
N ALA A 318 -21.91 10.67 -25.38
CA ALA A 318 -22.30 10.56 -23.98
C ALA A 318 -22.24 11.95 -23.39
N ASN A 319 -23.30 12.33 -22.68
CA ASN A 319 -23.36 13.55 -21.86
C ASN A 319 -23.69 13.21 -20.41
N ASN A 320 -23.40 11.96 -20.04
CA ASN A 320 -23.55 11.41 -18.72
C ASN A 320 -22.45 10.38 -18.50
N LEU A 321 -22.03 10.25 -17.26
CA LEU A 321 -21.16 9.15 -16.85
C LEU A 321 -21.90 7.82 -16.88
N VAL A 322 -23.11 7.82 -16.35
CA VAL A 322 -23.95 6.63 -16.33
C VAL A 322 -24.53 6.46 -17.74
N PRO A 323 -24.39 5.26 -18.32
CA PRO A 323 -24.87 5.05 -19.69
C PRO A 323 -26.39 4.99 -19.78
N GLU A 324 -26.93 5.43 -20.92
CA GLU A 324 -28.38 5.33 -21.17
C GLU A 324 -28.75 3.88 -21.31
N GLY A 325 -29.96 3.54 -20.87
CA GLY A 325 -30.53 2.22 -21.07
C GLY A 325 -30.07 1.16 -20.08
N PHE A 326 -29.42 1.57 -18.99
CA PHE A 326 -28.76 0.64 -18.09
C PHE A 326 -29.41 0.49 -16.71
N THR A 327 -29.78 1.61 -16.09
CA THR A 327 -30.28 1.61 -14.72
C THR A 327 -31.48 2.58 -14.60
N PHE A 328 -32.48 2.20 -13.80
CA PHE A 328 -33.79 2.84 -13.80
C PHE A 328 -34.31 3.05 -12.39
N ASP A 329 -35.10 4.10 -12.25
CA ASP A 329 -35.60 4.58 -10.97
C ASP A 329 -36.51 3.50 -10.35
N PRO A 330 -36.25 3.11 -9.08
CA PRO A 330 -37.11 2.09 -8.47
C PRO A 330 -38.55 2.56 -8.30
N GLY A 331 -38.76 3.88 -8.24
CA GLY A 331 -40.10 4.43 -8.08
C GLY A 331 -40.95 4.37 -9.32
N ASN A 332 -40.48 4.98 -10.39
CA ASN A 332 -41.28 5.10 -11.62
C ASN A 332 -40.67 4.47 -12.87
N LYS A 333 -39.56 3.75 -12.72
CA LYS A 333 -38.92 3.01 -13.79
C LYS A 333 -38.28 3.85 -14.92
N GLU A 334 -38.11 5.15 -14.68
CA GLU A 334 -37.48 6.03 -15.68
C GLU A 334 -35.97 5.92 -15.62
N ASP A 335 -35.34 6.04 -16.80
CA ASP A 335 -33.88 5.97 -16.94
C ASP A 335 -33.18 7.03 -16.12
N TYR A 336 -32.16 6.61 -15.36
CA TYR A 336 -31.27 7.52 -14.62
C TYR A 336 -30.85 8.72 -15.48
N THR A 337 -30.42 8.47 -16.72
CA THR A 337 -29.94 9.56 -17.60
C THR A 337 -30.98 10.60 -17.97
N LYS A 338 -32.24 10.18 -18.13
CA LYS A 338 -33.35 11.12 -18.37
C LYS A 338 -33.59 12.03 -17.13
N GLU A 339 -33.53 11.44 -15.93
CA GLU A 339 -33.68 12.20 -14.68
C GLU A 339 -32.49 13.12 -14.41
N SER A 340 -31.28 12.67 -14.74
CA SER A 340 -30.08 13.48 -14.57
C SER A 340 -30.00 14.65 -15.56
N GLY A 341 -30.52 14.42 -16.76
CA GLY A 341 -30.33 15.32 -17.89
C GLY A 341 -28.93 15.29 -18.46
N LYS A 342 -28.72 16.10 -19.48
CA LYS A 342 -27.40 16.20 -20.12
C LYS A 342 -26.48 17.11 -19.31
N HIS A 343 -25.18 16.80 -19.32
CA HIS A 343 -24.15 17.62 -18.71
C HIS A 343 -23.00 17.85 -19.69
N LEU A 344 -22.36 19.02 -19.58
CA LEU A 344 -21.16 19.35 -20.36
C LEU A 344 -21.29 19.02 -21.85
N GLU A 345 -22.30 19.61 -22.47
CA GLU A 345 -22.55 19.46 -23.90
C GLU A 345 -21.53 20.25 -24.72
N TYR A 346 -21.11 19.66 -25.83
CA TYR A 346 -20.23 20.33 -26.79
C TYR A 346 -20.68 21.75 -27.13
N ASP A 347 -19.78 22.71 -26.94
CA ASP A 347 -20.05 24.13 -27.14
C ASP A 347 -18.73 24.89 -27.28
N VAL A 348 -18.32 25.18 -28.51
CA VAL A 348 -17.02 25.83 -28.74
C VAL A 348 -16.97 27.22 -28.05
N LYS A 349 -18.05 27.99 -28.15
CA LYS A 349 -18.07 29.33 -27.55
C LYS A 349 -17.94 29.29 -26.02
N GLU A 350 -18.72 28.43 -25.36
CA GLU A 350 -18.60 28.29 -23.91
C GLU A 350 -17.23 27.73 -23.51
N ALA A 351 -16.67 26.85 -24.33
CA ALA A 351 -15.28 26.35 -24.15
C ALA A 351 -14.23 27.46 -24.19
N GLN A 352 -14.38 28.34 -25.18
CA GLN A 352 -13.46 29.45 -25.39
C GLN A 352 -13.57 30.50 -24.27
N LYS A 353 -14.78 30.73 -23.79
CA LYS A 353 -15.01 31.57 -22.59
C LYS A 353 -14.23 31.02 -21.39
N ALA A 354 -14.41 29.73 -21.10
CA ALA A 354 -13.68 29.08 -20.00
C ALA A 354 -12.17 29.11 -20.23
N TRP A 355 -11.74 28.87 -21.46
CA TRP A 355 -10.32 28.89 -21.81
C TRP A 355 -9.66 30.26 -21.51
N LYS A 356 -10.27 31.33 -22.01
CA LYS A 356 -9.71 32.69 -21.76
C LYS A 356 -9.61 33.01 -20.26
N ALA A 357 -10.66 32.65 -19.50
CA ALA A 357 -10.71 32.92 -18.05
C ALA A 357 -9.70 32.09 -17.26
N GLY A 358 -9.59 30.81 -17.61
CA GLY A 358 -8.57 29.93 -17.03
C GLY A 358 -7.15 30.42 -17.28
N LEU A 359 -6.83 30.80 -18.51
CA LEU A 359 -5.50 31.31 -18.88
C LEU A 359 -5.14 32.58 -18.10
N LYS A 360 -6.14 33.44 -17.91
CA LYS A 360 -5.99 34.66 -17.11
C LYS A 360 -5.70 34.31 -15.63
N GLU A 361 -6.45 33.36 -15.08
CA GLU A 361 -6.27 32.94 -13.68
C GLU A 361 -4.90 32.34 -13.44
N LEU A 362 -4.40 31.55 -14.40
CA LEU A 362 -3.05 30.96 -14.34
C LEU A 362 -1.91 31.92 -14.71
N GLY A 363 -2.24 33.06 -15.31
CA GLY A 363 -1.24 34.04 -15.74
C GLY A 363 -0.35 33.59 -16.88
N VAL A 364 -0.91 32.81 -17.82
CA VAL A 364 -0.16 32.30 -18.99
C VAL A 364 -0.92 32.53 -20.30
N ASN A 365 -0.18 32.51 -21.42
CA ASN A 365 -0.74 32.65 -22.79
C ASN A 365 -0.84 31.33 -23.53
N GLU A 366 -0.03 30.36 -23.13
CA GLU A 366 0.03 29.04 -23.76
C GLU A 366 0.15 27.95 -22.71
N ILE A 367 -0.26 26.74 -23.08
CA ILE A 367 -0.22 25.55 -22.23
C ILE A 367 0.11 24.37 -23.12
N THR A 368 1.05 23.51 -22.68
CA THR A 368 1.28 22.18 -23.27
C THR A 368 0.80 21.12 -22.29
N VAL A 369 0.01 20.16 -22.78
CA VAL A 369 -0.35 19.00 -21.99
C VAL A 369 -0.28 17.75 -22.84
N GLU A 370 -0.03 16.62 -22.18
CA GLU A 370 0.10 15.32 -22.84
C GLU A 370 -1.19 14.52 -22.65
N PHE A 371 -1.74 14.04 -23.75
CA PHE A 371 -2.96 13.23 -23.75
C PHE A 371 -2.57 11.74 -23.85
N THR A 372 -2.95 10.95 -22.85
CA THR A 372 -2.68 9.50 -22.89
C THR A 372 -3.88 8.68 -23.38
N SER A 373 -3.61 7.79 -24.35
CA SER A 373 -4.55 6.77 -24.78
C SER A 373 -3.80 5.46 -25.11
N ASP A 374 -4.51 4.49 -25.68
CA ASP A 374 -3.94 3.17 -25.96
C ASP A 374 -3.18 3.17 -27.30
N ASP A 375 -2.60 2.01 -27.65
CA ASP A 375 -1.70 1.88 -28.80
C ASP A 375 -2.30 1.09 -29.99
N THR A 376 -3.62 0.99 -30.06
CA THR A 376 -4.25 0.39 -31.23
C THR A 376 -4.32 1.44 -32.36
N GLU A 377 -4.53 0.97 -33.58
CA GLU A 377 -4.72 1.87 -34.72
C GLU A 377 -5.84 2.85 -34.44
N ASN A 378 -6.94 2.35 -33.90
CA ASN A 378 -8.10 3.22 -33.66
C ASN A 378 -7.89 4.20 -32.52
N ALA A 379 -7.13 3.79 -31.51
CA ALA A 379 -6.80 4.71 -30.40
C ALA A 379 -5.94 5.88 -30.92
N ARG A 380 -5.00 5.59 -31.81
CA ARG A 380 -4.18 6.60 -32.48
C ARG A 380 -5.02 7.58 -33.35
N LYS A 381 -5.98 7.06 -34.11
CA LYS A 381 -6.97 7.88 -34.81
C LYS A 381 -7.77 8.78 -33.84
N SER A 382 -8.19 8.18 -32.72
CA SER A 382 -8.93 8.88 -31.70
C SER A 382 -8.14 10.06 -31.15
N SER A 383 -6.91 9.77 -30.75
CA SER A 383 -6.01 10.80 -30.20
C SER A 383 -5.71 11.94 -31.17
N GLU A 384 -5.45 11.60 -32.43
CA GLU A 384 -5.22 12.61 -33.47
C GLU A 384 -6.48 13.49 -33.70
N PHE A 385 -7.67 12.90 -33.62
CA PHE A 385 -8.93 13.65 -33.70
C PHE A 385 -9.09 14.63 -32.53
N ILE A 386 -8.86 14.15 -31.31
CA ILE A 386 -8.97 14.99 -30.12
C ILE A 386 -7.92 16.10 -30.13
N GLN A 387 -6.67 15.75 -30.47
CA GLN A 387 -5.63 16.76 -30.64
C GLN A 387 -6.09 17.87 -31.62
N ASP A 388 -6.58 17.44 -32.78
CA ASP A 388 -7.14 18.36 -33.80
C ASP A 388 -8.21 19.28 -33.20
N GLN A 389 -9.16 18.72 -32.46
CA GLN A 389 -10.29 19.46 -31.91
C GLN A 389 -9.83 20.52 -30.91
N LEU A 390 -9.02 20.09 -29.96
CA LEU A 390 -8.57 20.99 -28.91
C LEU A 390 -7.63 22.08 -29.45
N GLN A 391 -6.69 21.71 -30.32
CA GLN A 391 -5.73 22.70 -30.85
C GLN A 391 -6.40 23.76 -31.73
N LYS A 392 -7.30 23.34 -32.62
CA LYS A 392 -7.98 24.32 -33.48
C LYS A 392 -8.91 25.25 -32.69
N ASN A 393 -9.53 24.73 -31.64
CA ASN A 393 -10.55 25.49 -30.88
C ASN A 393 -9.98 26.38 -29.76
N LEU A 394 -8.84 26.00 -29.19
CA LEU A 394 -8.27 26.66 -28.02
C LEU A 394 -6.87 27.22 -28.31
N ASP A 395 -6.82 28.49 -28.69
CA ASP A 395 -5.58 29.16 -29.14
C ASP A 395 -4.53 29.16 -28.03
N GLY A 396 -3.33 28.71 -28.36
CA GLY A 396 -2.23 28.58 -27.41
C GLY A 396 -2.14 27.23 -26.71
N LEU A 397 -2.97 26.27 -27.10
CA LEU A 397 -2.93 24.92 -26.52
C LEU A 397 -2.16 24.00 -27.45
N THR A 398 -1.12 23.37 -26.93
CA THR A 398 -0.45 22.25 -27.56
C THR A 398 -0.86 21.00 -26.81
N VAL A 399 -1.20 19.95 -27.56
CA VAL A 399 -1.51 18.63 -27.00
C VAL A 399 -0.50 17.63 -27.56
N LYS A 400 0.38 17.10 -26.71
CA LYS A 400 1.32 16.03 -27.08
C LYS A 400 0.56 14.73 -26.94
N LEU A 401 0.80 13.79 -27.85
CA LEU A 401 0.12 12.49 -27.81
C LEU A 401 1.00 11.37 -27.26
N LYS A 402 0.45 10.60 -26.33
CA LYS A 402 1.08 9.41 -25.80
C LYS A 402 0.10 8.27 -26.06
N ASN A 403 0.55 7.21 -26.71
CA ASN A 403 -0.31 6.10 -27.11
C ASN A 403 0.39 4.81 -26.71
N VAL A 404 -0.02 4.25 -25.57
CA VAL A 404 0.75 3.22 -24.89
C VAL A 404 -0.07 1.93 -24.74
N PRO A 405 0.59 0.81 -24.44
CA PRO A 405 -0.19 -0.40 -24.16
C PRO A 405 -1.16 -0.15 -23.02
N PHE A 406 -2.31 -0.81 -23.10
CA PHE A 406 -3.36 -0.67 -22.13
C PHE A 406 -2.81 -0.79 -20.70
N LYS A 407 -2.02 -1.84 -20.46
CA LYS A 407 -1.44 -2.04 -19.12
C LYS A 407 -0.54 -0.89 -18.62
N VAL A 408 0.15 -0.22 -19.54
CA VAL A 408 1.00 0.93 -19.20
C VAL A 408 0.09 2.13 -18.88
N ARG A 409 -0.97 2.33 -19.66
CA ARG A 409 -1.92 3.41 -19.36
C ARG A 409 -2.48 3.25 -17.95
N LEU A 410 -2.84 2.01 -17.63
CA LEU A 410 -3.44 1.73 -16.33
C LEU A 410 -2.43 1.95 -15.21
N GLN A 411 -1.19 1.50 -15.41
CA GLN A 411 -0.11 1.74 -14.42
C GLN A 411 0.12 3.22 -14.20
N ASN A 412 0.21 3.98 -15.29
CA ASN A 412 0.41 5.43 -15.20
C ASN A 412 -0.79 6.10 -14.53
N ASP A 413 -2.00 5.56 -14.79
CA ASP A 413 -3.21 6.05 -14.12
C ASP A 413 -3.10 5.86 -12.60
N GLN A 414 -2.80 4.64 -12.16
CA GLN A 414 -2.62 4.36 -10.73
C GLN A 414 -1.57 5.27 -10.08
N ASN A 415 -0.48 5.53 -10.81
CA ASN A 415 0.63 6.37 -10.34
C ASN A 415 0.38 7.89 -10.46
N GLN A 416 -0.75 8.29 -11.07
CA GLN A 416 -1.00 9.68 -11.42
C GLN A 416 0.08 10.32 -12.28
N ASP A 417 0.67 9.52 -13.14
CA ASP A 417 1.76 9.98 -13.98
C ASP A 417 1.18 10.21 -15.37
N TYR A 418 0.32 11.22 -15.47
CA TYR A 418 -0.35 11.58 -16.71
C TYR A 418 -0.95 12.98 -16.51
N ASP A 419 -1.32 13.67 -17.59
CA ASP A 419 -1.98 14.96 -17.49
C ASP A 419 -3.49 14.79 -17.67
N PHE A 420 -3.86 14.24 -18.82
CA PHE A 420 -5.22 13.85 -19.09
C PHE A 420 -5.21 12.65 -20.01
N SER A 421 -6.31 11.89 -20.02
CA SER A 421 -6.34 10.60 -20.67
C SER A 421 -7.71 10.21 -21.12
N MET A 422 -7.75 9.26 -22.04
CA MET A 422 -8.98 8.64 -22.51
C MET A 422 -9.15 7.39 -21.66
N SER A 423 -10.20 7.34 -20.85
CA SER A 423 -10.45 6.15 -20.04
C SER A 423 -11.85 5.67 -20.23
N GLY A 424 -12.11 4.44 -19.80
CA GLY A 424 -13.46 3.91 -19.89
C GLY A 424 -13.80 3.04 -18.71
N TRP A 425 -15.10 2.98 -18.41
CA TRP A 425 -15.60 2.14 -17.36
C TRP A 425 -16.79 1.37 -17.84
N GLY A 426 -16.76 0.07 -17.61
CA GLY A 426 -17.89 -0.82 -17.79
C GLY A 426 -18.43 -1.23 -16.43
N PRO A 427 -19.75 -1.45 -16.34
CA PRO A 427 -20.36 -1.69 -15.04
C PRO A 427 -20.03 -3.07 -14.47
N ASP A 428 -19.89 -3.14 -13.16
CA ASP A 428 -19.68 -4.43 -12.47
C ASP A 428 -20.95 -5.00 -11.84
N TYR A 429 -22.00 -4.18 -11.79
CA TYR A 429 -23.32 -4.57 -11.34
C TYR A 429 -24.30 -3.48 -11.76
N GLN A 430 -25.60 -3.75 -11.63
CA GLN A 430 -26.62 -2.90 -12.25
C GLN A 430 -27.21 -1.87 -11.28
N ASP A 431 -26.45 -0.80 -11.08
CA ASP A 431 -26.83 0.29 -10.19
C ASP A 431 -25.89 1.45 -10.55
N PRO A 432 -26.34 2.73 -10.41
CA PRO A 432 -25.46 3.84 -10.77
C PRO A 432 -24.14 3.93 -10.00
N SER A 433 -24.13 3.39 -8.78
CA SER A 433 -22.94 3.42 -7.92
C SER A 433 -21.72 2.76 -8.54
N THR A 434 -21.89 1.76 -9.39
CA THR A 434 -20.74 1.17 -10.06
C THR A 434 -19.90 2.24 -10.80
N PHE A 435 -20.57 3.25 -11.36
CA PHE A 435 -19.89 4.39 -12.00
C PHE A 435 -19.55 5.52 -11.01
N LEU A 436 -20.51 5.89 -10.20
CA LEU A 436 -20.35 7.10 -9.37
C LEU A 436 -19.30 6.93 -8.28
N ASP A 437 -19.20 5.72 -7.71
CA ASP A 437 -18.25 5.45 -6.66
C ASP A 437 -16.77 5.62 -7.04
N LEU A 438 -16.48 5.62 -8.33
CA LEU A 438 -15.10 5.81 -8.78
C LEU A 438 -14.46 7.13 -8.30
N PHE A 439 -15.25 8.18 -8.16
CA PHE A 439 -14.69 9.52 -8.01
C PHE A 439 -14.83 10.12 -6.61
N VAL A 440 -15.10 9.24 -5.63
CA VAL A 440 -14.95 9.61 -4.24
C VAL A 440 -13.48 9.96 -3.93
N THR A 441 -13.29 10.84 -2.95
CA THR A 441 -11.96 11.32 -2.58
C THR A 441 -11.04 10.14 -2.27
N ASP A 442 -9.85 10.15 -2.88
CA ASP A 442 -8.82 9.13 -2.67
C ASP A 442 -9.23 7.71 -3.08
N GLY A 443 -10.29 7.59 -3.89
CA GLY A 443 -10.72 6.28 -4.36
C GLY A 443 -9.66 5.67 -5.27
N ALA A 444 -9.54 4.35 -5.23
CA ALA A 444 -8.50 3.66 -6.03
C ALA A 444 -8.67 3.79 -7.54
N GLN A 445 -9.89 4.06 -8.00
CA GLN A 445 -10.18 4.39 -9.41
C GLN A 445 -10.39 5.87 -9.71
N ASN A 446 -10.09 6.75 -8.76
CA ASN A 446 -10.18 8.20 -8.94
C ASN A 446 -8.89 8.63 -9.66
N ARG A 447 -7.77 8.69 -8.93
CA ARG A 447 -6.44 8.95 -9.49
C ARG A 447 -6.36 10.26 -10.28
N MET A 448 -7.12 11.25 -9.84
CA MET A 448 -7.11 12.56 -10.44
C MET A 448 -6.84 13.63 -9.40
N SER A 449 -6.71 13.24 -8.13
CA SER A 449 -6.80 14.17 -6.99
C SER A 449 -8.05 15.05 -7.06
N TYR A 450 -9.15 14.44 -7.51
CA TYR A 450 -10.43 15.10 -7.48
C TYR A 450 -11.06 14.80 -6.12
N SER A 451 -11.50 15.86 -5.44
CA SER A 451 -12.08 15.72 -4.11
C SER A 451 -13.18 16.75 -3.96
N ASN A 452 -14.41 16.26 -3.82
CA ASN A 452 -15.56 17.10 -3.46
C ASN A 452 -16.30 16.41 -2.31
N LYS A 453 -16.27 17.01 -1.10
CA LYS A 453 -16.89 16.38 0.08
C LYS A 453 -18.40 16.20 -0.01
N ASP A 454 -19.08 17.06 -0.76
CA ASP A 454 -20.53 16.90 -0.97
C ASP A 454 -20.83 15.67 -1.82
N TYR A 455 -19.97 15.44 -2.83
CA TYR A 455 -20.05 14.23 -3.66
C TYR A 455 -19.84 13.00 -2.79
N ASP A 456 -18.75 12.98 -2.00
CA ASP A 456 -18.48 11.86 -1.06
C ASP A 456 -19.62 11.61 -0.09
N LYS A 457 -20.20 12.69 0.44
CA LYS A 457 -21.30 12.58 1.40
C LYS A 457 -22.52 11.91 0.78
N ILE A 458 -22.84 12.28 -0.45
CA ILE A 458 -23.91 11.60 -1.19
C ILE A 458 -23.65 10.09 -1.33
N LEU A 459 -22.47 9.72 -1.76
CA LEU A 459 -22.19 8.31 -2.07
C LEU A 459 -21.89 7.49 -0.81
N ASN A 460 -21.26 8.11 0.19
CA ASN A 460 -21.19 7.55 1.54
C ASN A 460 -22.46 7.93 2.31
N ASP A 470 -34.02 4.28 0.17
CA ASP A 470 -33.85 3.49 -1.04
C ASP A 470 -34.28 4.25 -2.29
N GLN A 471 -35.51 4.78 -2.28
CA GLN A 471 -35.86 5.87 -3.20
C GLN A 471 -34.96 7.09 -2.89
N LYS A 472 -34.78 7.41 -1.61
CA LYS A 472 -33.85 8.49 -1.22
C LYS A 472 -32.43 8.27 -1.73
N ARG A 473 -31.94 7.03 -1.64
CA ARG A 473 -30.61 6.68 -2.18
C ARG A 473 -30.55 6.98 -3.67
N TRP A 474 -31.56 6.49 -4.39
CA TRP A 474 -31.62 6.72 -5.84
C TRP A 474 -31.61 8.22 -6.17
N ASP A 475 -32.51 8.97 -5.54
CA ASP A 475 -32.62 10.42 -5.82
C ASP A 475 -31.28 11.16 -5.60
N GLU A 476 -30.57 10.78 -4.55
CA GLU A 476 -29.28 11.36 -4.24
C GLU A 476 -28.23 11.00 -5.29
N MET A 477 -28.22 9.74 -5.74
CA MET A 477 -27.31 9.34 -6.83
C MET A 477 -27.53 10.16 -8.10
N VAL A 478 -28.79 10.49 -8.41
CA VAL A 478 -29.10 11.35 -9.56
C VAL A 478 -28.41 12.69 -9.37
N LYS A 479 -28.58 13.27 -8.17
CA LYS A 479 -27.99 14.56 -7.87
C LYS A 479 -26.47 14.56 -7.95
N ALA A 480 -25.86 13.43 -7.58
CA ALA A 480 -24.41 13.32 -7.56
C ALA A 480 -23.77 13.60 -8.92
N GLU A 481 -24.43 13.18 -10.00
CA GLU A 481 -23.85 13.34 -11.32
C GLU A 481 -23.73 14.82 -11.71
N LYS A 482 -24.69 15.63 -11.30
CA LYS A 482 -24.61 17.08 -11.53
C LYS A 482 -23.40 17.72 -10.87
N ILE A 483 -23.10 17.29 -9.65
CA ILE A 483 -21.93 17.77 -8.92
C ILE A 483 -20.64 17.39 -9.67
N LEU A 484 -20.54 16.13 -10.05
CA LEU A 484 -19.35 15.61 -10.72
C LEU A 484 -19.07 16.31 -12.06
N LEU A 485 -20.12 16.49 -12.85
CA LEU A 485 -19.99 16.93 -14.23
C LEU A 485 -20.23 18.42 -14.38
N THR A 486 -21.47 18.86 -14.22
CA THR A 486 -21.80 20.27 -14.44
C THR A 486 -21.06 21.20 -13.48
N ASP A 487 -21.06 20.87 -12.18
CA ASP A 487 -20.47 21.76 -11.17
C ASP A 487 -18.93 21.74 -11.15
N ASP A 488 -18.32 20.55 -11.17
CA ASP A 488 -16.87 20.39 -10.96
C ASP A 488 -16.07 20.06 -12.22
N VAL A 489 -16.71 19.58 -13.28
CA VAL A 489 -15.98 19.12 -14.47
C VAL A 489 -14.81 18.18 -14.06
N ALA A 490 -15.10 17.21 -13.19
CA ALA A 490 -14.10 16.22 -12.74
C ALA A 490 -13.58 15.39 -13.91
N ILE A 491 -14.51 15.04 -14.79
CA ILE A 491 -14.26 14.26 -16.03
C ILE A 491 -15.16 14.77 -17.13
N GLN A 492 -14.95 14.29 -18.36
CA GLN A 492 -15.83 14.62 -19.48
C GLN A 492 -16.22 13.34 -20.23
N PRO A 493 -17.44 12.85 -19.98
CA PRO A 493 -17.97 11.78 -20.85
C PRO A 493 -17.89 12.14 -22.34
N LEU A 494 -17.45 11.18 -23.15
N LEU A 494 -17.40 11.20 -23.15
CA LEU A 494 -17.26 11.40 -24.58
CA LEU A 494 -17.26 11.39 -24.59
C LEU A 494 -18.23 10.54 -25.36
C LEU A 494 -18.25 10.54 -25.34
N TYR A 495 -18.23 9.23 -25.10
CA TYR A 495 -19.15 8.30 -25.78
C TYR A 495 -19.58 7.11 -24.96
N GLN A 496 -20.73 6.56 -25.34
CA GLN A 496 -21.27 5.33 -24.80
C GLN A 496 -20.86 4.26 -25.79
N ARG A 497 -20.14 3.24 -25.33
CA ARG A 497 -19.46 2.35 -26.24
C ARG A 497 -20.33 1.22 -26.77
N SER A 498 -20.31 1.06 -28.09
CA SER A 498 -20.67 -0.20 -28.75
C SER A 498 -19.45 -0.71 -29.51
N THR A 499 -19.44 -2.00 -29.84
CA THR A 499 -18.32 -2.65 -30.50
C THR A 499 -18.87 -3.42 -31.70
N ALA A 500 -18.25 -3.26 -32.85
CA ALA A 500 -18.67 -3.95 -34.08
C ALA A 500 -17.71 -5.08 -34.40
N TYR A 501 -18.24 -6.16 -34.94
CA TYR A 501 -17.50 -7.36 -35.28
C TYR A 501 -18.05 -7.96 -36.56
N LEU A 502 -17.19 -8.70 -37.26
CA LEU A 502 -17.67 -9.79 -38.08
C LEU A 502 -17.59 -11.02 -37.20
N GLN A 503 -18.65 -11.84 -37.24
CA GLN A 503 -18.74 -13.03 -36.41
C GLN A 503 -19.24 -14.20 -37.24
N LYS A 504 -18.48 -15.30 -37.30
CA LYS A 504 -18.90 -16.44 -38.13
C LYS A 504 -20.25 -16.97 -37.66
N ASP A 505 -21.09 -17.34 -38.62
CA ASP A 505 -22.43 -17.86 -38.29
C ASP A 505 -22.44 -19.14 -37.43
N TYR A 506 -21.36 -19.92 -37.47
CA TYR A 506 -21.25 -21.16 -36.72
C TYR A 506 -20.97 -21.05 -35.21
N ILE A 507 -20.67 -19.85 -34.72
CA ILE A 507 -20.57 -19.64 -33.27
C ILE A 507 -21.99 -19.56 -32.68
N LYS A 508 -22.31 -20.47 -31.76
CA LYS A 508 -23.61 -20.51 -31.08
C LYS A 508 -23.43 -20.35 -29.57
N ASN A 509 -24.41 -19.71 -28.93
CA ASN A 509 -24.40 -19.56 -27.45
C ASN A 509 -23.16 -18.82 -26.90
N LEU A 510 -22.75 -17.77 -27.61
CA LEU A 510 -21.69 -16.87 -27.12
C LEU A 510 -22.33 -15.93 -26.11
N GLN A 511 -22.11 -16.17 -24.82
CA GLN A 511 -22.79 -15.37 -23.82
C GLN A 511 -22.07 -14.06 -23.59
N LYS A 512 -22.74 -12.95 -23.94
CA LYS A 512 -22.28 -11.61 -23.61
C LYS A 512 -22.95 -11.21 -22.30
N ASN A 513 -22.15 -10.99 -21.28
CA ASN A 513 -22.70 -10.55 -20.00
C ASN A 513 -23.00 -9.06 -20.00
N PRO A 514 -24.15 -8.66 -19.42
CA PRO A 514 -24.51 -7.24 -19.40
C PRO A 514 -23.71 -6.41 -18.41
N PHE A 515 -23.01 -7.04 -17.48
CA PHE A 515 -22.12 -6.35 -16.55
C PHE A 515 -21.16 -7.40 -16.02
N GLY A 516 -20.17 -6.97 -15.28
CA GLY A 516 -19.10 -7.88 -14.88
C GLY A 516 -18.22 -8.30 -16.05
N PRO A 517 -17.39 -9.35 -15.86
CA PRO A 517 -16.56 -9.87 -16.96
C PRO A 517 -17.36 -10.03 -18.27
N ASP A 518 -16.77 -9.64 -19.39
CA ASP A 518 -17.54 -9.41 -20.63
C ASP A 518 -18.25 -10.64 -21.22
N TYR A 519 -17.56 -11.78 -21.21
CA TYR A 519 -18.08 -12.99 -21.83
C TYR A 519 -18.01 -14.19 -20.91
N THR A 520 -18.87 -15.16 -21.18
CA THR A 520 -18.78 -16.48 -20.55
C THR A 520 -18.82 -17.48 -21.69
N TYR A 521 -17.69 -18.16 -21.92
CA TYR A 521 -17.57 -19.12 -23.01
C TYR A 521 -18.00 -20.53 -22.62
N LYS A 522 -18.39 -20.72 -21.36
CA LYS A 522 -18.66 -22.03 -20.76
C LYS A 522 -19.49 -22.94 -21.68
N GLU A 523 -20.62 -22.44 -22.20
CA GLU A 523 -21.56 -23.28 -22.97
C GLU A 523 -21.62 -22.90 -24.43
N THR A 524 -20.66 -22.10 -24.88
CA THR A 524 -20.50 -21.78 -26.29
C THR A 524 -20.14 -23.05 -27.06
N TYR A 525 -20.62 -23.15 -28.28
CA TYR A 525 -20.29 -24.29 -29.14
C TYR A 525 -20.36 -23.89 -30.61
N LEU A 526 -19.86 -24.77 -31.48
CA LEU A 526 -19.76 -24.47 -32.89
C LEU A 526 -20.62 -25.47 -33.69
N THR A 527 -21.33 -24.97 -34.68
CA THR A 527 -22.03 -25.78 -35.67
C THR A 527 -21.32 -25.64 -37.02
N LYS A 528 -20.05 -26.04 -37.08
CA LYS A 528 -19.23 -25.93 -38.32
C LYS A 528 -19.72 -26.95 -39.33
N LEU A 529 -19.82 -26.52 -40.59
CA LEU A 529 -20.32 -27.34 -41.72
C LEU A 529 -21.49 -28.27 -41.39
N ALA B 11 32.51 12.99 -8.06
CA ALA B 11 31.45 12.12 -8.65
C ALA B 11 31.66 11.85 -10.14
N SER B 12 30.93 10.87 -10.69
CA SER B 12 30.91 10.62 -12.14
C SER B 12 29.66 9.86 -12.59
N GLY B 13 29.18 10.19 -13.79
CA GLY B 13 28.01 9.53 -14.37
C GLY B 13 26.68 9.92 -13.73
N GLU B 14 25.67 9.08 -13.94
CA GLU B 14 24.32 9.39 -13.50
C GLU B 14 24.23 9.29 -11.99
N GLN B 15 23.58 10.27 -11.38
CA GLN B 15 23.45 10.35 -9.93
C GLN B 15 22.05 9.93 -9.52
N VAL B 16 21.73 8.68 -9.82
CA VAL B 16 20.49 8.04 -9.41
C VAL B 16 20.85 6.74 -8.69
N LEU B 17 20.33 6.59 -7.48
CA LEU B 17 20.64 5.48 -6.61
C LEU B 17 19.40 4.62 -6.43
N ASN B 18 19.57 3.32 -6.51
CA ASN B 18 18.46 2.36 -6.39
C ASN B 18 18.66 1.50 -5.16
N LEU B 19 17.74 1.62 -4.22
CA LEU B 19 17.84 0.93 -2.94
C LEU B 19 16.65 0.03 -2.71
N THR B 20 16.76 -0.83 -1.69
CA THR B 20 15.64 -1.63 -1.26
C THR B 20 15.34 -1.37 0.24
N GLU B 21 14.12 -1.74 0.64
CA GLU B 21 13.70 -1.72 2.06
C GLU B 21 12.96 -3.03 2.31
N SER B 22 13.01 -3.53 3.54
CA SER B 22 12.43 -4.83 3.85
C SER B 22 10.97 -4.74 4.33
N ALA B 23 10.45 -3.52 4.47
CA ALA B 23 9.10 -3.33 4.97
C ALA B 23 8.48 -2.08 4.39
N LEU B 24 7.15 -2.08 4.31
CA LEU B 24 6.39 -0.90 3.91
C LEU B 24 6.48 0.19 5.03
N ILE B 25 6.36 1.46 4.67
CA ILE B 25 6.48 2.55 5.64
C ILE B 25 5.30 2.53 6.62
N PRO B 26 5.53 2.39 7.95
CA PRO B 26 4.40 2.46 8.89
C PRO B 26 3.86 3.88 9.05
N SER B 27 4.76 4.85 9.11
CA SER B 27 4.40 6.23 9.28
C SER B 27 5.46 7.12 8.66
N ALA B 28 5.04 8.21 8.02
CA ALA B 28 5.93 9.29 7.63
C ALA B 28 5.57 10.62 8.28
N ASP B 29 4.80 10.58 9.38
CA ASP B 29 4.49 11.74 10.20
C ASP B 29 5.69 11.94 11.18
N SER B 30 6.41 13.05 11.06
CA SER B 30 7.63 13.24 11.87
C SER B 30 7.34 13.29 13.39
N THR B 31 6.12 13.68 13.77
CA THR B 31 5.70 13.65 15.17
C THR B 31 5.34 12.27 15.67
N LYS B 32 4.62 11.51 14.85
CA LYS B 32 4.07 10.23 15.26
C LYS B 32 4.92 9.00 14.95
N ALA B 33 5.79 9.09 13.95
CA ALA B 33 6.59 7.93 13.54
C ALA B 33 7.52 7.49 14.65
N ASP B 34 7.61 6.18 14.86
CA ASP B 34 8.52 5.65 15.86
C ASP B 34 9.32 4.44 15.39
N ASP B 35 9.37 4.24 14.07
CA ASP B 35 9.95 3.04 13.51
C ASP B 35 11.09 3.41 12.58
N GLN B 36 12.01 2.48 12.36
CA GLN B 36 13.25 2.80 11.64
C GLN B 36 13.03 3.07 10.15
N VAL B 37 11.99 2.50 9.56
CA VAL B 37 11.72 2.72 8.15
C VAL B 37 11.23 4.16 7.92
N GLY B 38 10.19 4.54 8.66
CA GLY B 38 9.61 5.87 8.53
C GLY B 38 10.51 6.99 9.02
N LEU B 39 11.21 6.77 10.12
CA LEU B 39 12.17 7.78 10.61
C LEU B 39 13.34 7.98 9.63
N ASN B 40 13.81 6.92 8.98
CA ASN B 40 14.78 7.08 7.88
C ASN B 40 14.23 7.95 6.72
N VAL B 41 12.99 7.71 6.33
CA VAL B 41 12.33 8.53 5.31
C VAL B 41 12.32 10.01 5.70
N VAL B 42 11.74 10.29 6.87
N VAL B 42 11.75 10.35 6.86
CA VAL B 42 11.61 11.65 7.36
CA VAL B 42 11.63 11.77 7.20
C VAL B 42 12.97 12.38 7.44
C VAL B 42 12.98 12.43 7.51
N ASN B 43 14.02 11.64 7.79
CA ASN B 43 15.37 12.23 7.88
C ASN B 43 15.95 12.77 6.58
N GLN B 44 15.46 12.27 5.44
CA GLN B 44 15.93 12.72 4.12
C GLN B 44 15.09 13.89 3.61
N THR B 45 13.82 13.91 3.99
CA THR B 45 12.81 14.85 3.45
C THR B 45 12.59 16.06 4.34
N ASN B 46 13.08 16.01 5.58
CA ASN B 46 12.89 17.07 6.54
C ASN B 46 14.14 17.22 7.40
N GLU B 47 14.19 18.30 8.16
CA GLU B 47 15.39 18.68 8.90
C GLU B 47 15.04 19.56 10.08
N GLY B 48 15.75 19.33 11.18
CA GLY B 48 15.53 20.06 12.42
C GLY B 48 16.69 20.99 12.69
N LEU B 49 16.83 21.35 13.95
CA LEU B 49 17.87 22.30 14.38
C LEU B 49 19.29 21.75 14.20
N TYR B 50 19.44 20.45 14.39
CA TYR B 50 20.72 19.75 14.28
C TYR B 50 20.52 18.55 13.39
N ALA B 51 21.61 18.04 12.83
CA ALA B 51 21.63 16.78 12.10
C ALA B 51 22.99 16.16 12.31
N LEU B 52 23.05 14.82 12.41
CA LEU B 52 24.32 14.14 12.63
C LEU B 52 25.26 14.38 11.44
N ASP B 53 26.50 14.77 11.74
CA ASP B 53 27.55 14.95 10.73
C ASP B 53 28.25 13.62 10.37
N LYS B 54 29.27 13.70 9.52
CA LYS B 54 29.98 12.49 9.05
C LYS B 54 30.64 11.68 10.15
N ASP B 55 30.92 12.28 11.30
CA ASP B 55 31.55 11.56 12.43
C ASP B 55 30.56 11.19 13.53
N GLY B 56 29.27 11.22 13.21
CA GLY B 56 28.26 10.86 14.18
C GLY B 56 27.99 11.89 15.24
N ILE B 57 28.39 13.14 15.01
CA ILE B 57 28.18 14.21 16.00
C ILE B 57 27.10 15.19 15.54
N PRO B 58 26.12 15.49 16.43
CA PRO B 58 25.09 16.47 16.01
C PRO B 58 25.72 17.80 15.68
N ALA B 59 25.43 18.30 14.48
CA ALA B 59 25.93 19.60 14.02
C ALA B 59 24.74 20.46 13.61
N ILE B 60 24.93 21.77 13.70
CA ILE B 60 23.84 22.67 13.35
C ILE B 60 23.33 22.43 11.91
N ALA B 61 22.02 22.52 11.76
CA ALA B 61 21.35 22.33 10.48
C ALA B 61 20.38 23.48 10.29
N GLY B 62 19.19 23.41 10.92
CA GLY B 62 18.20 24.50 10.87
C GLY B 62 18.60 25.67 11.75
N ALA B 63 19.48 25.42 12.72
CA ALA B 63 20.11 26.46 13.49
C ALA B 63 21.21 27.16 12.66
N ALA B 64 21.19 28.49 12.66
CA ALA B 64 22.15 29.29 11.92
C ALA B 64 23.56 29.32 12.50
N GLU B 65 23.67 29.19 13.81
CA GLU B 65 24.97 29.24 14.48
C GLU B 65 24.82 28.52 15.81
N GLU B 66 25.93 28.33 16.49
CA GLU B 66 25.92 27.64 17.77
C GLU B 66 25.04 28.41 18.76
N PRO B 67 24.19 27.70 19.53
CA PRO B 67 23.31 28.45 20.43
C PRO B 67 24.07 29.14 21.55
N LYS B 68 23.46 30.18 22.10
CA LYS B 68 23.91 30.76 23.36
C LYS B 68 23.23 29.95 24.48
N ILE B 69 24.00 29.55 25.48
CA ILE B 69 23.51 28.67 26.55
C ILE B 69 23.76 29.32 27.89
N SER B 70 22.73 29.30 28.73
CA SER B 70 22.82 29.87 30.08
C SER B 70 23.87 29.16 30.91
N ASP B 71 24.30 29.79 31.99
CA ASP B 71 25.36 29.24 32.85
C ASP B 71 25.00 27.89 33.44
N ASP B 72 23.73 27.71 33.85
CA ASP B 72 23.25 26.43 34.40
C ASP B 72 22.84 25.38 33.32
N LYS B 73 23.06 25.69 32.05
CA LYS B 73 22.84 24.76 30.95
C LYS B 73 21.37 24.31 30.82
N THR B 74 20.43 25.20 31.15
CA THR B 74 19.00 24.92 30.93
C THR B 74 18.31 25.79 29.90
N VAL B 75 18.91 26.91 29.48
CA VAL B 75 18.24 27.82 28.55
C VAL B 75 19.11 27.99 27.31
N TYR B 76 18.55 27.64 26.15
CA TYR B 76 19.24 27.64 24.87
C TYR B 76 18.57 28.69 24.00
N THR B 77 19.34 29.68 23.56
CA THR B 77 18.86 30.72 22.67
C THR B 77 19.44 30.46 21.30
N ILE B 78 18.56 30.17 20.35
CA ILE B 78 18.96 29.56 19.10
C ILE B 78 18.45 30.41 17.95
N LYS B 79 19.38 30.91 17.13
CA LYS B 79 19.06 31.66 15.93
C LYS B 79 18.85 30.67 14.82
N LEU B 80 17.83 30.92 13.99
CA LEU B 80 17.49 30.02 12.89
C LEU B 80 17.94 30.57 11.54
N ARG B 81 18.22 29.66 10.62
CA ARG B 81 18.64 30.04 9.26
C ARG B 81 17.50 30.85 8.61
N GLU B 82 17.83 32.00 8.03
CA GLU B 82 16.82 32.83 7.39
C GLU B 82 16.62 32.47 5.89
N ASP B 83 17.38 31.49 5.38
CA ASP B 83 17.27 31.04 3.97
C ASP B 83 16.57 29.67 3.83
N ALA B 84 16.06 29.13 4.94
CA ALA B 84 15.42 27.84 4.94
C ALA B 84 13.95 28.00 4.50
N LYS B 85 13.54 27.16 3.55
CA LYS B 85 12.21 27.22 2.97
C LYS B 85 11.59 25.84 2.96
N TRP B 86 10.27 25.80 3.12
CA TRP B 86 9.44 24.65 2.83
C TRP B 86 9.31 24.48 1.33
N SER B 87 8.90 23.28 0.92
CA SER B 87 8.80 22.90 -0.49
C SER B 87 7.66 23.62 -1.22
N ASN B 88 6.77 24.29 -0.48
CA ASN B 88 5.79 25.21 -1.06
C ASN B 88 6.26 26.67 -1.10
N GLY B 89 7.52 26.92 -0.74
CA GLY B 89 8.08 28.26 -0.73
C GLY B 89 7.98 29.04 0.57
N ASP B 90 7.16 28.58 1.53
CA ASP B 90 7.00 29.33 2.79
C ASP B 90 8.34 29.28 3.55
N PRO B 91 8.67 30.35 4.27
CA PRO B 91 9.84 30.29 5.15
C PRO B 91 9.67 29.30 6.30
N VAL B 92 10.76 28.63 6.68
CA VAL B 92 10.80 27.89 7.93
C VAL B 92 11.12 28.93 9.01
N THR B 93 10.22 29.06 9.97
CA THR B 93 10.38 30.04 11.04
C THR B 93 10.29 29.34 12.38
N ALA B 94 10.54 30.13 13.42
CA ALA B 94 10.47 29.68 14.81
C ALA B 94 9.10 29.15 15.18
N ASN B 95 8.05 29.73 14.59
CA ASN B 95 6.69 29.28 14.83
C ASN B 95 6.46 27.83 14.42
N ASP B 96 7.17 27.39 13.39
CA ASP B 96 7.09 25.98 12.93
C ASP B 96 7.58 25.00 14.01
N TYR B 97 8.60 25.40 14.77
CA TYR B 97 9.14 24.58 15.86
C TYR B 97 8.23 24.60 17.06
N VAL B 98 7.77 25.79 17.43
CA VAL B 98 6.78 25.93 18.51
C VAL B 98 5.56 25.02 18.22
N TYR B 99 5.03 25.15 17.01
CA TYR B 99 3.89 24.35 16.60
C TYR B 99 4.17 22.84 16.73
N SER B 100 5.25 22.34 16.12
CA SER B 100 5.49 20.90 16.13
C SER B 100 5.80 20.33 17.53
N TRP B 101 6.53 21.06 18.36
CA TRP B 101 6.83 20.54 19.71
C TRP B 101 5.56 20.49 20.56
N ARG B 102 4.71 21.50 20.44
CA ARG B 102 3.42 21.47 21.14
C ARG B 102 2.55 20.32 20.62
N ARG B 103 2.59 20.06 19.31
CA ARG B 103 1.88 18.91 18.73
C ARG B 103 2.38 17.58 19.32
N ALA B 104 3.69 17.46 19.50
CA ALA B 104 4.27 16.24 20.06
C ALA B 104 3.80 15.92 21.47
N VAL B 105 3.65 16.96 22.29
CA VAL B 105 3.23 16.76 23.68
C VAL B 105 1.71 16.81 23.91
N ASP B 106 0.97 17.35 22.95
CA ASP B 106 -0.50 17.43 23.05
C ASP B 106 -1.11 16.04 23.22
N PRO B 107 -1.84 15.80 24.33
CA PRO B 107 -2.48 14.49 24.53
C PRO B 107 -3.36 14.03 23.35
N ASN B 108 -4.00 14.95 22.66
CA ASN B 108 -4.82 14.60 21.49
C ASN B 108 -4.02 13.96 20.34
N THR B 109 -2.75 14.33 20.18
CA THR B 109 -1.90 13.71 19.16
C THR B 109 -1.54 12.26 19.49
N ALA B 110 -1.44 11.96 20.79
CA ALA B 110 -1.06 10.64 21.30
C ALA B 110 0.21 10.12 20.64
N ALA B 111 1.22 10.99 20.52
CA ALA B 111 2.49 10.61 19.93
C ALA B 111 3.27 9.70 20.86
N THR B 112 3.69 8.54 20.37
CA THR B 112 4.38 7.57 21.21
C THR B 112 5.71 8.11 21.75
N TYR B 113 6.36 8.99 21.00
CA TYR B 113 7.58 9.65 21.46
C TYR B 113 7.39 10.93 22.31
N SER B 114 6.16 11.22 22.77
CA SER B 114 5.92 12.39 23.61
C SER B 114 6.80 12.39 24.88
N TYR B 115 7.17 11.22 25.38
CA TYR B 115 8.04 11.12 26.57
C TYR B 115 9.45 11.72 26.38
N LEU B 116 9.93 11.82 25.14
CA LEU B 116 11.23 12.49 24.89
C LEU B 116 11.22 13.96 25.34
N PHE B 117 10.05 14.57 25.29
CA PHE B 117 9.85 15.96 25.66
C PHE B 117 9.88 16.21 27.18
N ASP B 118 10.07 15.15 27.98
CA ASP B 118 10.45 15.28 29.40
C ASP B 118 11.70 16.14 29.61
N ALA B 119 12.58 16.17 28.61
CA ALA B 119 13.76 17.02 28.66
C ALA B 119 13.43 18.52 28.57
N ILE B 120 12.25 18.85 28.05
CA ILE B 120 11.83 20.24 27.87
C ILE B 120 10.97 20.66 29.07
N LYS B 121 11.13 21.92 29.50
CA LYS B 121 10.34 22.41 30.63
C LYS B 121 8.83 22.19 30.38
N ASN B 122 8.15 21.59 31.36
CA ASN B 122 6.71 21.29 31.35
C ASN B 122 6.24 20.18 30.41
N GLY B 123 7.16 19.54 29.68
CA GLY B 123 6.78 18.51 28.72
C GLY B 123 6.02 17.35 29.37
N GLY B 124 6.56 16.85 30.48
CA GLY B 124 5.93 15.79 31.26
C GLY B 124 4.54 16.14 31.77
N ASP B 125 4.40 17.32 32.36
CA ASP B 125 3.10 17.80 32.85
C ASP B 125 2.04 17.92 31.73
N ILE B 126 2.48 18.34 30.54
CA ILE B 126 1.61 18.51 29.39
C ILE B 126 1.11 17.17 28.85
N VAL B 127 2.02 16.19 28.78
CA VAL B 127 1.67 14.85 28.35
C VAL B 127 0.68 14.23 29.34
N ALA B 128 0.89 14.52 30.63
CA ALA B 128 0.00 14.08 31.69
C ALA B 128 -1.31 14.86 31.79
N GLY B 129 -1.44 15.97 31.06
CA GLY B 129 -2.67 16.75 31.01
C GLY B 129 -2.82 17.72 32.15
N LYS B 130 -1.74 17.97 32.89
CA LYS B 130 -1.78 18.91 34.02
C LYS B 130 -1.50 20.34 33.58
N LYS B 131 -0.94 20.51 32.38
CA LYS B 131 -0.73 21.83 31.80
C LYS B 131 -1.10 21.79 30.34
N LYS B 132 -1.38 22.97 29.77
CA LYS B 132 -1.74 23.08 28.37
C LYS B 132 -0.46 23.09 27.53
N PRO B 133 -0.52 22.58 26.27
CA PRO B 133 0.68 22.60 25.38
C PRO B 133 1.39 23.96 25.27
N GLU B 134 0.61 25.04 25.40
CA GLU B 134 1.11 26.43 25.35
C GLU B 134 2.18 26.72 26.42
N GLU B 135 2.18 25.96 27.51
CA GLU B 135 3.19 26.12 28.56
C GLU B 135 4.51 25.43 28.28
N LEU B 136 4.66 24.73 27.17
CA LEU B 136 5.92 24.02 26.90
C LEU B 136 7.09 24.99 26.83
N GLY B 137 8.25 24.56 27.29
CA GLY B 137 9.47 25.38 27.27
C GLY B 137 10.11 25.68 25.93
N ILE B 138 9.32 26.17 24.97
CA ILE B 138 9.83 26.66 23.70
C ILE B 138 9.03 27.89 23.30
N LYS B 139 9.78 28.96 23.05
CA LYS B 139 9.25 30.28 22.77
C LYS B 139 9.83 30.79 21.45
N ALA B 140 8.98 31.36 20.60
CA ALA B 140 9.46 32.08 19.43
C ALA B 140 9.77 33.50 19.90
N VAL B 141 11.03 33.77 20.21
CA VAL B 141 11.46 35.10 20.67
C VAL B 141 11.24 36.14 19.55
N ASP B 142 11.56 35.74 18.33
CA ASP B 142 11.10 36.44 17.14
C ASP B 142 10.96 35.42 16.02
N ASP B 143 10.67 35.84 14.78
CA ASP B 143 10.44 34.85 13.72
C ASP B 143 11.62 33.91 13.44
N TYR B 144 12.85 34.30 13.81
CA TYR B 144 14.03 33.49 13.51
C TYR B 144 14.89 33.24 14.76
N THR B 145 14.26 33.27 15.93
CA THR B 145 14.95 33.02 17.20
C THR B 145 14.07 32.22 18.15
N LEU B 146 14.59 31.09 18.63
CA LEU B 146 13.95 30.25 19.64
C LEU B 146 14.64 30.39 20.98
N GLU B 147 13.83 30.39 22.03
CA GLU B 147 14.34 30.12 23.34
C GLU B 147 13.76 28.82 23.84
N VAL B 148 14.66 27.84 24.05
CA VAL B 148 14.29 26.55 24.56
C VAL B 148 14.79 26.42 26.00
N THR B 149 13.87 26.05 26.89
CA THR B 149 14.17 25.88 28.28
C THR B 149 13.99 24.41 28.65
N LEU B 150 15.05 23.84 29.20
CA LEU B 150 15.04 22.43 29.59
C LEU B 150 14.51 22.23 30.99
N SER B 151 13.98 21.04 31.25
CA SER B 151 13.56 20.65 32.62
C SER B 151 14.77 20.48 33.53
N LYS B 152 15.89 20.05 32.95
CA LYS B 152 17.17 19.95 33.65
C LYS B 152 18.29 19.82 32.62
N PRO B 153 19.55 20.02 33.05
CA PRO B 153 20.63 19.92 32.07
C PRO B 153 20.64 18.52 31.44
N THR B 154 20.82 18.49 30.13
CA THR B 154 20.63 17.29 29.34
C THR B 154 21.78 17.18 28.35
N ALA B 155 22.73 16.30 28.66
CA ALA B 155 23.97 16.14 27.87
C ALA B 155 23.73 15.77 26.40
N TYR B 156 22.64 15.05 26.14
CA TYR B 156 22.32 14.57 24.78
C TYR B 156 21.27 15.46 24.07
N ILE B 157 21.04 16.68 24.56
CA ILE B 157 20.02 17.53 24.02
C ILE B 157 20.18 17.77 22.51
N ASN B 158 21.41 17.96 22.04
CA ASN B 158 21.62 18.16 20.58
C ASN B 158 21.24 16.94 19.76
N SER B 159 21.37 15.75 20.34
CA SER B 159 20.87 14.53 19.68
C SER B 159 19.35 14.53 19.60
N LEU B 160 18.66 15.03 20.63
CA LEU B 160 17.19 15.17 20.51
C LEU B 160 16.83 16.19 19.45
N PHE B 161 17.59 17.28 19.37
CA PHE B 161 17.39 18.27 18.32
C PHE B 161 17.57 17.69 16.90
N ALA B 162 18.40 16.66 16.75
CA ALA B 162 18.53 15.95 15.49
C ALA B 162 17.55 14.81 15.27
N PHE B 163 16.60 14.60 16.20
CA PHE B 163 15.63 13.52 16.12
C PHE B 163 14.31 14.00 15.51
N PRO B 164 13.69 13.19 14.62
CA PRO B 164 12.53 13.70 13.88
C PRO B 164 11.36 14.28 14.69
N THR B 165 11.08 13.74 15.88
CA THR B 165 10.00 14.27 16.72
C THR B 165 10.16 15.77 17.06
N PHE B 166 11.41 16.26 17.00
CA PHE B 166 11.76 17.66 17.26
C PHE B 166 11.90 18.51 15.98
N PHE B 167 11.62 17.93 14.82
CA PHE B 167 11.63 18.68 13.56
C PHE B 167 10.47 19.66 13.53
N PRO B 168 10.63 20.79 12.81
CA PRO B 168 9.55 21.76 12.60
C PRO B 168 8.44 21.19 11.71
N LEU B 169 7.23 21.72 11.83
CA LEU B 169 6.14 21.42 10.91
C LEU B 169 5.48 22.71 10.50
N ASN B 170 4.85 22.71 9.34
CA ASN B 170 4.19 23.92 8.82
C ASN B 170 2.74 23.84 9.28
N GLU B 171 2.35 24.72 10.20
CA GLU B 171 1.02 24.62 10.84
C GLU B 171 -0.13 24.74 9.82
N LYS B 172 -0.01 25.68 8.89
CA LYS B 172 -1.02 25.89 7.85
C LYS B 172 -1.26 24.62 7.02
N PHE B 173 -0.16 23.98 6.62
CA PHE B 173 -0.24 22.77 5.80
C PHE B 173 -0.81 21.58 6.55
N VAL B 174 -0.28 21.31 7.74
CA VAL B 174 -0.75 20.19 8.53
C VAL B 174 -2.24 20.35 8.80
N THR B 175 -2.64 21.52 9.29
CA THR B 175 -4.06 21.80 9.61
C THR B 175 -4.98 21.63 8.40
N GLU B 176 -4.56 22.16 7.25
CA GLU B 176 -5.29 21.98 5.98
C GLU B 176 -5.54 20.52 5.62
N LYS B 177 -4.54 19.67 5.78
CA LYS B 177 -4.68 18.26 5.43
C LYS B 177 -5.51 17.45 6.43
N GLY B 178 -5.62 17.94 7.69
CA GLY B 178 -6.52 17.34 8.70
C GLY B 178 -6.10 15.92 9.02
N GLU B 179 -7.07 15.02 9.13
CA GLU B 179 -6.82 13.61 9.42
C GLU B 179 -5.99 12.89 8.33
N LYS B 180 -5.91 13.47 7.14
CA LYS B 180 -5.11 12.89 6.05
C LYS B 180 -3.63 13.35 6.00
N TYR B 181 -3.19 14.17 6.95
CA TYR B 181 -1.79 14.64 6.96
C TYR B 181 -0.80 13.47 6.93
N ALA B 182 0.18 13.57 6.04
CA ALA B 182 1.18 12.50 5.82
C ALA B 182 0.63 11.11 5.47
N GLN B 183 -0.59 11.01 4.93
CA GLN B 183 -1.17 9.71 4.55
C GLN B 183 -0.48 9.16 3.30
N ASN B 184 0.11 10.07 2.51
CA ASN B 184 0.81 9.77 1.28
C ASN B 184 1.78 10.91 1.04
N SER B 185 2.60 10.84 -0.01
CA SER B 185 3.62 11.87 -0.26
C SER B 185 3.02 13.21 -0.73
N ASP B 186 1.84 13.16 -1.35
CA ASP B 186 1.08 14.40 -1.65
C ASP B 186 0.69 15.19 -0.42
N ASN B 187 0.55 14.53 0.72
CA ASN B 187 0.13 15.20 1.96
C ASN B 187 1.27 15.44 2.96
N MET B 188 2.46 15.68 2.43
CA MET B 188 3.66 15.98 3.21
C MET B 188 4.25 17.25 2.63
N LEU B 189 4.99 17.97 3.47
CA LEU B 189 5.76 19.13 3.05
C LEU B 189 7.20 18.91 3.52
N PHE B 190 8.16 19.37 2.75
CA PHE B 190 9.58 18.98 2.86
C PHE B 190 10.42 20.22 3.14
N ASN B 191 11.38 20.09 4.06
CA ASN B 191 12.41 21.13 4.27
C ASN B 191 13.81 20.53 4.34
N GLY B 192 13.95 19.28 3.92
CA GLY B 192 15.21 18.59 3.92
C GLY B 192 15.80 18.48 2.51
N PRO B 193 16.92 17.76 2.38
CA PRO B 193 17.62 17.55 1.11
C PRO B 193 16.79 16.98 -0.05
N PHE B 194 15.78 16.18 0.26
CA PHE B 194 14.97 15.53 -0.76
C PHE B 194 13.48 15.77 -0.53
N GLU B 195 12.72 15.71 -1.62
CA GLU B 195 11.26 15.58 -1.56
C GLU B 195 10.94 14.11 -1.70
N LEU B 196 9.77 13.72 -1.21
CA LEU B 196 9.28 12.35 -1.36
C LEU B 196 8.18 12.38 -2.38
N LYS B 197 8.19 11.43 -3.31
CA LYS B 197 7.07 11.22 -4.21
C LYS B 197 6.81 9.73 -4.44
N ASP B 198 5.72 9.45 -5.18
CA ASP B 198 5.27 8.07 -5.52
C ASP B 198 4.84 7.18 -4.37
N TRP B 199 4.64 7.75 -3.18
CA TRP B 199 4.25 6.97 -2.02
C TRP B 199 2.76 7.20 -1.80
N THR B 200 1.97 6.13 -1.93
CA THR B 200 0.52 6.20 -1.76
C THR B 200 0.08 6.05 -0.31
N GLY B 201 1.02 5.71 0.60
CA GLY B 201 0.68 5.34 1.96
C GLY B 201 0.68 3.84 2.20
N THR B 202 0.44 3.06 1.16
CA THR B 202 0.26 1.61 1.30
C THR B 202 0.96 0.79 0.23
N ASN B 203 1.81 1.40 -0.59
CA ASN B 203 2.47 0.71 -1.70
C ASN B 203 3.91 0.30 -1.36
N LYS B 204 4.53 -0.43 -2.28
CA LYS B 204 5.84 -1.05 -2.10
C LYS B 204 6.99 -0.35 -2.84
N LYS B 205 6.78 0.91 -3.23
CA LYS B 205 7.79 1.74 -3.87
C LYS B 205 7.63 3.18 -3.38
N TRP B 206 8.75 3.90 -3.35
CA TRP B 206 8.73 5.34 -3.16
C TRP B 206 10.04 5.94 -3.73
N THR B 207 10.10 7.26 -3.79
CA THR B 207 11.13 7.96 -4.53
C THR B 207 11.55 9.24 -3.82
N TYR B 208 12.85 9.44 -3.65
CA TYR B 208 13.40 10.69 -3.17
C TYR B 208 13.91 11.44 -4.38
N VAL B 209 13.61 12.73 -4.43
CA VAL B 209 13.96 13.60 -5.53
C VAL B 209 14.64 14.81 -4.91
N LYS B 210 15.74 15.26 -5.50
CA LYS B 210 16.49 16.39 -4.92
C LYS B 210 15.58 17.63 -4.76
N ASN B 211 15.57 18.19 -3.56
CA ASN B 211 14.76 19.35 -3.23
C ASN B 211 15.42 20.66 -3.65
N ASP B 212 14.83 21.32 -4.65
CA ASP B 212 15.41 22.56 -5.16
C ASP B 212 15.10 23.80 -4.33
N LYS B 213 14.35 23.66 -3.25
CA LYS B 213 14.16 24.74 -2.27
C LYS B 213 14.94 24.52 -0.95
N TYR B 214 15.76 23.47 -0.91
CA TYR B 214 16.55 23.17 0.27
C TYR B 214 17.72 24.15 0.35
N TRP B 215 17.94 24.73 1.53
CA TRP B 215 18.99 25.75 1.70
C TRP B 215 20.38 25.25 1.32
N ASP B 216 20.67 23.97 1.59
CA ASP B 216 22.00 23.41 1.32
C ASP B 216 22.04 22.50 0.06
N LYS B 217 21.15 22.78 -0.89
CA LYS B 217 21.00 21.97 -2.09
C LYS B 217 22.27 21.77 -2.92
N ASP B 218 23.19 22.74 -2.87
CA ASP B 218 24.42 22.63 -3.64
C ASP B 218 25.35 21.55 -3.10
N LYS B 219 25.15 21.09 -1.86
CA LYS B 219 25.85 19.91 -1.35
C LYS B 219 25.16 18.58 -1.72
N VAL B 220 23.93 18.64 -2.22
CA VAL B 220 23.20 17.41 -2.57
C VAL B 220 23.54 17.01 -4.02
N LYS B 221 24.05 15.79 -4.18
CA LYS B 221 24.54 15.29 -5.49
C LYS B 221 23.55 14.37 -6.22
N LEU B 222 22.82 13.59 -5.45
CA LEU B 222 21.89 12.63 -6.00
C LEU B 222 20.64 13.32 -6.49
N LYS B 223 20.29 13.11 -7.75
CA LYS B 223 19.07 13.70 -8.31
C LYS B 223 17.82 12.94 -7.87
N GLN B 224 17.98 11.63 -7.69
CA GLN B 224 16.87 10.76 -7.40
C GLN B 224 17.36 9.47 -6.73
N ILE B 225 16.60 9.02 -5.74
CA ILE B 225 16.83 7.76 -5.05
C ILE B 225 15.53 6.96 -5.14
N ASN B 226 15.56 5.81 -5.80
CA ASN B 226 14.38 4.95 -5.95
C ASN B 226 14.43 3.83 -4.92
N VAL B 227 13.37 3.63 -4.16
CA VAL B 227 13.31 2.59 -3.14
C VAL B 227 12.18 1.64 -3.51
N GLN B 228 12.42 0.34 -3.36
CA GLN B 228 11.36 -0.66 -3.55
C GLN B 228 11.44 -1.66 -2.41
N VAL B 229 10.31 -2.19 -1.97
CA VAL B 229 10.26 -3.21 -0.93
C VAL B 229 10.69 -4.58 -1.45
N VAL B 230 11.67 -5.19 -0.78
CA VAL B 230 12.14 -6.55 -1.11
C VAL B 230 12.21 -7.33 0.19
N GLN B 231 11.52 -8.47 0.24
CA GLN B 231 11.38 -9.22 1.48
C GLN B 231 11.97 -10.62 1.45
N ASP B 232 12.79 -10.88 0.45
CA ASP B 232 13.63 -12.06 0.43
C ASP B 232 14.94 -11.78 -0.29
N SER B 233 16.00 -12.40 0.20
CA SER B 233 17.35 -12.14 -0.27
C SER B 233 17.60 -12.56 -1.71
N GLY B 234 17.00 -13.67 -2.13
CA GLY B 234 17.11 -14.14 -3.52
C GLY B 234 16.65 -13.11 -4.54
N THR B 235 15.48 -12.52 -4.29
CA THR B 235 14.90 -11.51 -5.16
C THR B 235 15.82 -10.29 -5.22
N GLY B 236 16.31 -9.88 -4.05
CA GLY B 236 17.24 -8.75 -3.94
C GLY B 236 18.55 -9.01 -4.68
N LEU B 237 19.11 -10.20 -4.51
CA LEU B 237 20.35 -10.59 -5.23
C LEU B 237 20.18 -10.56 -6.74
N ASN B 238 19.08 -11.10 -7.22
CA ASN B 238 18.79 -11.04 -8.65
C ASN B 238 18.70 -9.59 -9.17
N LEU B 239 18.06 -8.71 -8.41
CA LEU B 239 18.03 -7.29 -8.76
C LEU B 239 19.43 -6.67 -8.80
N TYR B 240 20.23 -6.99 -7.79
CA TYR B 240 21.60 -6.51 -7.67
C TYR B 240 22.44 -6.94 -8.88
N ASN B 241 22.37 -8.23 -9.21
CA ASN B 241 23.18 -8.81 -10.28
C ASN B 241 22.73 -8.42 -11.66
N THR B 242 21.48 -7.94 -11.79
CA THR B 242 21.00 -7.39 -13.06
C THR B 242 21.03 -5.85 -13.06
N ASP B 243 21.81 -5.26 -12.15
CA ASP B 243 22.04 -3.80 -12.04
C ASP B 243 20.79 -2.98 -11.79
N LYS B 244 19.76 -3.59 -11.21
CA LYS B 244 18.49 -2.93 -10.91
C LYS B 244 18.49 -2.28 -9.54
N VAL B 245 19.33 -2.74 -8.62
CA VAL B 245 19.52 -2.10 -7.32
C VAL B 245 21.00 -2.03 -7.03
N ASP B 246 21.39 -1.03 -6.26
CA ASP B 246 22.82 -0.78 -5.97
C ASP B 246 23.28 -1.30 -4.62
N ARG B 247 22.34 -1.84 -3.85
CA ARG B 247 22.61 -2.31 -2.51
C ARG B 247 21.48 -3.23 -2.13
N THR B 248 21.82 -4.40 -1.56
CA THR B 248 20.81 -5.39 -1.23
C THR B 248 21.16 -6.09 0.06
N VAL B 249 20.16 -6.30 0.91
CA VAL B 249 20.34 -7.02 2.18
C VAL B 249 20.50 -8.52 1.95
N LEU B 250 21.42 -9.14 2.68
CA LEU B 250 21.62 -10.59 2.65
C LEU B 250 21.36 -11.17 4.02
N SER B 251 20.61 -12.23 4.11
CA SER B 251 20.50 -12.92 5.41
C SER B 251 20.68 -14.42 5.25
N ALA B 252 20.94 -15.08 6.39
CA ALA B 252 21.08 -16.53 6.46
C ALA B 252 22.09 -17.03 5.40
N ASP B 253 21.76 -18.08 4.63
CA ASP B 253 22.70 -18.64 3.71
C ASP B 253 23.07 -17.70 2.56
N TYR B 254 22.22 -16.75 2.21
CA TYR B 254 22.60 -15.71 1.22
C TYR B 254 23.76 -14.83 1.69
N ALA B 255 23.80 -14.52 2.98
CA ALA B 255 24.92 -13.77 3.57
C ALA B 255 26.17 -14.66 3.56
N ALA B 256 26.01 -15.87 4.08
CA ALA B 256 27.10 -16.82 4.18
C ALA B 256 27.77 -17.14 2.85
N GLN B 257 26.96 -17.34 1.81
CA GLN B 257 27.47 -17.63 0.48
C GLN B 257 28.08 -16.44 -0.26
N ASN B 258 27.89 -15.22 0.22
CA ASN B 258 28.47 -14.04 -0.41
C ASN B 258 29.43 -13.29 0.48
N LYS B 259 29.74 -13.86 1.65
CA LYS B 259 30.60 -13.19 2.62
C LYS B 259 32.02 -12.88 2.12
N ASN B 260 32.51 -13.64 1.13
CA ASN B 260 33.85 -13.47 0.53
C ASN B 260 33.83 -12.71 -0.79
N ASN B 261 32.71 -12.08 -1.10
CA ASN B 261 32.58 -11.23 -2.28
C ASN B 261 33.21 -9.88 -2.02
N LYS B 262 33.87 -9.33 -3.01
CA LYS B 262 34.47 -8.01 -2.87
C LYS B 262 33.48 -6.97 -2.31
N ASP B 263 32.24 -7.06 -2.76
CA ASP B 263 31.18 -6.08 -2.46
C ASP B 263 30.40 -6.28 -1.15
N TYR B 264 30.75 -7.33 -0.40
CA TYR B 264 30.07 -7.67 0.83
C TYR B 264 30.43 -6.63 1.91
N VAL B 265 29.43 -6.14 2.62
CA VAL B 265 29.65 -5.22 3.74
C VAL B 265 28.78 -5.62 4.90
N THR B 266 29.24 -5.27 6.10
CA THR B 266 28.54 -5.54 7.34
C THR B 266 28.35 -4.20 8.04
N VAL B 267 27.15 -3.95 8.54
CA VAL B 267 26.82 -2.74 9.27
C VAL B 267 26.46 -3.16 10.68
N ASN B 268 27.09 -2.56 11.70
CA ASN B 268 26.69 -2.78 13.10
C ASN B 268 25.68 -1.72 13.45
N ASN B 269 24.50 -2.15 13.84
CA ASN B 269 23.37 -1.26 14.03
C ASN B 269 23.21 -0.79 15.47
N SER B 270 24.04 -1.30 16.38
CA SER B 270 23.92 -1.04 17.82
C SER B 270 22.45 -1.17 18.29
N SER B 271 21.75 -2.17 17.78
N SER B 271 21.72 -2.15 17.77
CA SER B 271 20.36 -2.41 18.10
CA SER B 271 20.32 -2.35 18.11
C SER B 271 20.23 -3.74 18.80
C SER B 271 20.12 -3.76 18.67
N THR B 272 19.21 -3.88 19.64
CA THR B 272 18.94 -5.14 20.34
C THR B 272 17.57 -5.67 19.94
N PHE B 273 17.51 -6.94 19.60
CA PHE B 273 16.28 -7.64 19.33
C PHE B 273 16.02 -8.50 20.55
N TYR B 274 14.78 -8.46 21.00
CA TYR B 274 14.35 -9.10 22.23
C TYR B 274 12.95 -9.65 22.09
N ILE B 275 12.64 -10.63 22.94
N ILE B 275 12.63 -10.62 22.93
CA ILE B 275 11.29 -11.14 23.08
CA ILE B 275 11.28 -11.11 23.05
C ILE B 275 10.52 -10.25 24.06
C ILE B 275 10.50 -10.28 24.06
N LYS B 276 9.34 -9.79 23.63
CA LYS B 276 8.42 -9.07 24.49
C LYS B 276 7.33 -10.02 24.99
N PHE B 277 7.08 -10.00 26.29
CA PHE B 277 6.06 -10.83 26.92
C PHE B 277 4.85 -10.00 27.35
N ASN B 278 3.76 -10.08 26.58
CA ASN B 278 2.57 -9.35 26.94
C ASN B 278 1.90 -10.05 28.12
N GLN B 279 1.78 -9.32 29.22
CA GLN B 279 1.19 -9.85 30.44
C GLN B 279 -0.33 -9.70 30.55
N LYS B 280 -0.94 -8.86 29.72
CA LYS B 280 -2.39 -8.66 29.73
C LYS B 280 -2.92 -8.42 28.31
N ARG B 281 -3.92 -9.19 27.93
CA ARG B 281 -4.51 -9.08 26.63
C ARG B 281 -6.03 -9.17 26.77
N ALA B 282 -6.74 -8.20 26.18
CA ALA B 282 -8.21 -8.21 26.15
C ALA B 282 -8.83 -8.24 27.56
N GLY B 283 -8.23 -7.52 28.50
CA GLY B 283 -8.73 -7.45 29.88
C GLY B 283 -8.29 -8.60 30.80
N LYS B 284 -7.55 -9.55 30.24
CA LYS B 284 -7.24 -10.79 30.93
C LYS B 284 -5.73 -11.01 31.04
N ASP B 285 -5.29 -11.53 32.18
CA ASP B 285 -3.91 -11.98 32.33
C ASP B 285 -3.63 -13.07 31.33
N THR B 286 -2.49 -12.95 30.64
CA THR B 286 -1.99 -14.02 29.81
C THR B 286 -1.16 -14.95 30.66
N VAL B 287 -0.70 -16.05 30.07
CA VAL B 287 0.22 -16.95 30.77
C VAL B 287 1.52 -16.24 31.13
N PHE B 288 1.87 -15.19 30.38
CA PHE B 288 3.09 -14.44 30.63
C PHE B 288 3.00 -13.45 31.79
N ALA B 289 1.84 -13.36 32.44
CA ALA B 289 1.72 -12.70 33.74
C ALA B 289 2.48 -13.49 34.84
N ASN B 290 2.72 -14.77 34.61
CA ASN B 290 3.49 -15.63 35.51
C ASN B 290 4.99 -15.54 35.15
N LYS B 291 5.81 -15.12 36.12
CA LYS B 291 7.24 -14.96 35.89
C LYS B 291 7.95 -16.25 35.49
N ASN B 292 7.58 -17.37 36.12
CA ASN B 292 8.17 -18.63 35.73
C ASN B 292 7.94 -18.99 34.26
N ILE B 293 6.77 -18.67 33.70
CA ILE B 293 6.48 -18.95 32.30
C ILE B 293 7.31 -18.05 31.39
N ARG B 294 7.42 -16.77 31.73
CA ARG B 294 8.37 -15.87 31.04
C ARG B 294 9.79 -16.43 31.05
N LYS B 295 10.25 -16.86 32.23
CA LYS B 295 11.61 -17.42 32.40
C LYS B 295 11.83 -18.70 31.62
N ALA B 296 10.85 -19.58 31.64
CA ALA B 296 10.87 -20.79 30.84
C ALA B 296 11.12 -20.49 29.35
N ILE B 297 10.31 -19.62 28.76
CA ILE B 297 10.49 -19.24 27.35
C ILE B 297 11.88 -18.61 27.16
N ALA B 298 12.21 -17.66 28.03
CA ALA B 298 13.44 -16.87 27.87
C ALA B 298 14.69 -17.73 27.84
N LEU B 299 14.76 -18.70 28.76
CA LEU B 299 15.96 -19.53 28.95
C LEU B 299 16.07 -20.73 28.03
N ALA B 300 15.03 -21.01 27.25
CA ALA B 300 14.99 -22.20 26.38
C ALA B 300 15.38 -21.94 24.91
N ILE B 301 15.96 -20.77 24.62
CA ILE B 301 16.31 -20.43 23.24
C ILE B 301 17.81 -20.33 23.14
N ASP B 302 18.39 -21.19 22.30
CA ASP B 302 19.84 -21.23 22.08
C ASP B 302 20.20 -20.01 21.23
N LYS B 303 20.66 -18.95 21.88
CA LYS B 303 20.91 -17.68 21.17
C LYS B 303 22.07 -17.80 20.17
N GLN B 304 23.12 -18.55 20.55
CA GLN B 304 24.27 -18.70 19.68
C GLN B 304 23.90 -19.46 18.43
N SER B 305 23.18 -20.56 18.58
CA SER B 305 22.66 -21.29 17.44
C SER B 305 21.77 -20.41 16.58
N TYR B 306 20.95 -19.55 17.20
CA TYR B 306 20.07 -18.67 16.46
C TYR B 306 20.87 -17.74 15.53
N THR B 307 21.86 -17.04 16.10
CA THR B 307 22.67 -16.12 15.29
C THR B 307 23.51 -16.89 14.25
N ASP B 308 23.99 -18.08 14.60
CA ASP B 308 24.79 -18.90 13.66
C ASP B 308 23.98 -19.55 12.56
N THR B 309 22.67 -19.72 12.77
CA THR B 309 21.77 -20.41 11.82
C THR B 309 20.83 -19.48 11.05
N VAL B 310 20.17 -18.59 11.77
CA VAL B 310 19.16 -17.71 11.19
C VAL B 310 19.77 -16.47 10.55
N LEU B 311 20.78 -15.87 11.18
CA LEU B 311 21.24 -14.56 10.78
C LEU B 311 22.48 -14.63 9.91
N LYS B 312 23.56 -15.21 10.46
CA LYS B 312 24.79 -15.41 9.71
C LYS B 312 25.30 -14.11 9.04
N ASN B 313 25.22 -13.02 9.77
CA ASN B 313 25.45 -11.70 9.21
C ASN B 313 26.26 -10.77 10.11
N GLY B 314 26.95 -11.33 11.09
CA GLY B 314 27.67 -10.55 12.06
C GLY B 314 26.92 -10.28 13.34
N SER B 315 25.62 -10.55 13.36
CA SER B 315 24.85 -10.40 14.58
C SER B 315 25.39 -11.42 15.60
N LYS B 316 25.30 -11.07 16.87
CA LYS B 316 25.79 -11.94 17.92
C LYS B 316 24.82 -11.97 19.10
N PRO B 317 24.87 -13.03 19.91
CA PRO B 317 23.90 -13.14 21.00
C PRO B 317 23.95 -11.96 21.93
N ALA B 318 22.79 -11.63 22.50
CA ALA B 318 22.67 -10.57 23.51
C ALA B 318 22.21 -11.16 24.83
N ASN B 319 22.86 -10.74 25.91
CA ASN B 319 22.43 -11.09 27.27
C ASN B 319 22.24 -9.78 28.09
N ASN B 320 21.97 -8.69 27.37
CA ASN B 320 21.71 -7.37 27.90
C ASN B 320 20.77 -6.69 26.91
N LEU B 321 19.94 -5.78 27.42
CA LEU B 321 19.11 -4.92 26.59
C LEU B 321 19.98 -3.87 25.92
N VAL B 322 20.86 -3.26 26.72
CA VAL B 322 21.76 -2.25 26.22
C VAL B 322 22.84 -2.98 25.43
N PRO B 323 23.09 -2.54 24.18
CA PRO B 323 24.04 -3.28 23.34
C PRO B 323 25.50 -3.05 23.73
N GLU B 324 26.34 -4.08 23.58
CA GLU B 324 27.76 -3.97 23.84
C GLU B 324 28.42 -3.01 22.84
N GLY B 325 29.35 -2.19 23.33
CA GLY B 325 30.14 -1.30 22.50
C GLY B 325 29.53 0.07 22.25
N PHE B 326 28.44 0.38 22.95
CA PHE B 326 27.65 1.57 22.67
C PHE B 326 27.79 2.69 23.70
N THR B 327 27.76 2.33 24.99
N THR B 327 27.68 2.34 24.99
CA THR B 327 27.73 3.33 26.05
CA THR B 327 27.71 3.29 26.10
C THR B 327 28.67 2.90 27.19
C THR B 327 28.75 2.88 27.14
N PHE B 328 29.40 3.87 27.76
CA PHE B 328 30.53 3.64 28.66
C PHE B 328 30.45 4.53 29.89
N ASP B 329 30.96 4.01 31.00
CA ASP B 329 30.95 4.66 32.31
C ASP B 329 31.70 5.99 32.26
N PRO B 330 31.06 7.10 32.70
CA PRO B 330 31.79 8.38 32.66
C PRO B 330 33.01 8.46 33.60
N GLY B 331 33.04 7.64 34.64
CA GLY B 331 34.16 7.64 35.59
C GLY B 331 35.38 6.92 35.04
N ASN B 332 35.22 5.66 34.66
CA ASN B 332 36.34 4.81 34.27
C ASN B 332 36.30 4.25 32.83
N LYS B 333 35.38 4.72 32.02
CA LYS B 333 35.26 4.35 30.59
C LYS B 333 34.89 2.88 30.30
N GLU B 334 34.47 2.11 31.31
CA GLU B 334 34.11 0.71 31.08
C GLU B 334 32.70 0.60 30.51
N ASP B 335 32.52 -0.36 29.59
CA ASP B 335 31.26 -0.58 28.89
C ASP B 335 30.16 -0.90 29.91
N TYR B 336 28.99 -0.30 29.69
CA TYR B 336 27.80 -0.61 30.48
C TYR B 336 27.56 -2.09 30.65
N THR B 337 27.68 -2.83 29.56
CA THR B 337 27.39 -4.25 29.56
C THR B 337 28.38 -5.06 30.40
N LYS B 338 29.64 -4.63 30.46
CA LYS B 338 30.62 -5.24 31.37
C LYS B 338 30.20 -4.98 32.82
N GLU B 339 29.80 -3.75 33.12
CA GLU B 339 29.39 -3.43 34.49
C GLU B 339 28.11 -4.13 34.91
N SER B 340 27.16 -4.20 33.98
CA SER B 340 25.90 -4.86 34.23
C SER B 340 26.03 -6.39 34.37
N GLY B 341 26.93 -6.98 33.59
CA GLY B 341 27.07 -8.44 33.50
C GLY B 341 26.01 -9.03 32.58
N LYS B 342 26.08 -10.34 32.39
CA LYS B 342 25.09 -11.06 31.59
C LYS B 342 23.84 -11.36 32.40
N HIS B 343 22.70 -11.42 31.72
CA HIS B 343 21.40 -11.75 32.32
C HIS B 343 20.69 -12.74 31.44
N LEU B 344 19.93 -13.65 32.07
CA LEU B 344 19.04 -14.57 31.37
C LEU B 344 19.79 -15.33 30.27
N GLU B 345 20.89 -15.95 30.67
CA GLU B 345 21.66 -16.79 29.75
C GLU B 345 20.95 -18.09 29.41
N TYR B 346 21.06 -18.48 28.15
CA TYR B 346 20.56 -19.77 27.66
C TYR B 346 20.90 -20.90 28.61
N ASP B 347 19.89 -21.62 29.07
CA ASP B 347 20.09 -22.70 30.01
C ASP B 347 18.83 -23.57 30.05
N VAL B 348 18.87 -24.69 29.33
CA VAL B 348 17.68 -25.54 29.18
C VAL B 348 17.25 -26.11 30.53
N LYS B 349 18.22 -26.54 31.35
CA LYS B 349 17.90 -27.07 32.67
C LYS B 349 17.16 -26.04 33.52
N GLU B 350 17.64 -24.79 33.52
CA GLU B 350 16.96 -23.74 34.28
C GLU B 350 15.60 -23.38 33.64
N ALA B 351 15.52 -23.46 32.32
CA ALA B 351 14.26 -23.22 31.62
C ALA B 351 13.20 -24.23 32.03
N GLN B 352 13.60 -25.49 32.09
CA GLN B 352 12.67 -26.59 32.44
C GLN B 352 12.24 -26.56 33.91
N LYS B 353 13.11 -26.12 34.79
CA LYS B 353 12.75 -25.88 36.18
C LYS B 353 11.64 -24.82 36.28
N ALA B 354 11.86 -23.70 35.60
CA ALA B 354 10.88 -22.61 35.60
C ALA B 354 9.59 -23.06 34.97
N TRP B 355 9.67 -23.81 33.87
CA TRP B 355 8.48 -24.31 33.18
C TRP B 355 7.58 -25.21 34.08
N LYS B 356 8.17 -26.21 34.72
CA LYS B 356 7.41 -27.09 35.63
C LYS B 356 6.75 -26.29 36.75
N ALA B 357 7.48 -25.35 37.33
CA ALA B 357 6.96 -24.54 38.44
C ALA B 357 5.81 -23.64 37.96
N GLY B 358 5.97 -23.04 36.79
CA GLY B 358 4.97 -22.18 36.18
C GLY B 358 3.70 -22.94 35.86
N LEU B 359 3.85 -24.12 35.25
CA LEU B 359 2.68 -24.98 34.98
C LEU B 359 1.91 -25.33 36.26
N LYS B 360 2.63 -25.69 37.32
CA LYS B 360 1.99 -26.01 38.61
C LYS B 360 1.22 -24.83 39.17
N GLU B 361 1.84 -23.65 39.12
CA GLU B 361 1.23 -22.40 39.58
C GLU B 361 -0.04 -22.06 38.82
N LEU B 362 -0.01 -22.21 37.50
CA LEU B 362 -1.14 -21.94 36.65
C LEU B 362 -2.20 -23.04 36.69
N GLY B 363 -1.84 -24.22 37.17
CA GLY B 363 -2.74 -25.34 37.27
C GLY B 363 -3.13 -25.93 35.91
N VAL B 364 -2.20 -25.84 34.94
CA VAL B 364 -2.40 -26.42 33.60
C VAL B 364 -1.24 -27.36 33.29
N ASN B 365 -1.41 -28.20 32.28
CA ASN B 365 -0.32 -29.05 31.75
C ASN B 365 0.01 -28.78 30.29
N GLU B 366 -0.78 -27.93 29.64
CA GLU B 366 -0.53 -27.53 28.25
C GLU B 366 -0.76 -26.05 28.16
N ILE B 367 -0.04 -25.40 27.26
CA ILE B 367 -0.18 -23.97 26.95
C ILE B 367 -0.03 -23.80 25.45
N THR B 368 -0.91 -23.01 24.85
CA THR B 368 -0.74 -22.55 23.48
C THR B 368 -0.61 -21.03 23.49
N VAL B 369 0.45 -20.52 22.85
CA VAL B 369 0.66 -19.07 22.72
C VAL B 369 1.05 -18.73 21.27
N GLU B 370 0.75 -17.50 20.85
CA GLU B 370 1.03 -17.06 19.48
C GLU B 370 2.25 -16.18 19.51
N PHE B 371 3.20 -16.46 18.63
CA PHE B 371 4.43 -15.68 18.57
C PHE B 371 4.34 -14.77 17.34
N THR B 372 4.39 -13.46 17.55
CA THR B 372 4.31 -12.49 16.46
C THR B 372 5.71 -12.04 15.97
N SER B 373 5.90 -12.07 14.66
CA SER B 373 7.08 -11.50 14.04
C SER B 373 6.70 -10.95 12.65
N ASP B 374 7.69 -10.59 11.85
CA ASP B 374 7.47 -9.93 10.57
C ASP B 374 7.28 -10.92 9.42
N ASP B 375 6.97 -10.42 8.24
CA ASP B 375 6.62 -11.28 7.10
C ASP B 375 7.70 -11.43 6.02
N THR B 376 8.97 -11.24 6.36
CA THR B 376 10.04 -11.51 5.41
C THR B 376 10.42 -12.97 5.48
N GLU B 377 11.10 -13.46 4.44
CA GLU B 377 11.62 -14.83 4.44
C GLU B 377 12.44 -15.12 5.70
N ASN B 378 13.34 -14.21 6.04
CA ASN B 378 14.20 -14.40 7.23
C ASN B 378 13.43 -14.35 8.58
N ALA B 379 12.36 -13.55 8.65
CA ALA B 379 11.56 -13.49 9.87
C ALA B 379 10.79 -14.80 10.05
N ARG B 380 10.32 -15.38 8.94
CA ARG B 380 9.69 -16.70 9.00
C ARG B 380 10.66 -17.79 9.44
N LYS B 381 11.88 -17.74 8.93
CA LYS B 381 12.93 -18.68 9.34
C LYS B 381 13.25 -18.50 10.84
N SER B 382 13.34 -17.25 11.30
CA SER B 382 13.50 -16.94 12.73
C SER B 382 12.40 -17.56 13.59
N SER B 383 11.16 -17.31 13.18
CA SER B 383 9.97 -17.79 13.89
C SER B 383 9.93 -19.33 14.00
N GLU B 384 10.23 -20.01 12.89
CA GLU B 384 10.34 -21.47 12.87
C GLU B 384 11.45 -22.00 13.80
N PHE B 385 12.59 -21.32 13.80
CA PHE B 385 13.69 -21.67 14.72
C PHE B 385 13.25 -21.56 16.18
N ILE B 386 12.61 -20.46 16.53
CA ILE B 386 12.20 -20.22 17.91
C ILE B 386 11.10 -21.21 18.31
N GLN B 387 10.16 -21.41 17.40
CA GLN B 387 9.12 -22.42 17.60
C GLN B 387 9.74 -23.78 17.95
N ASP B 388 10.71 -24.22 17.16
CA ASP B 388 11.36 -25.49 17.40
C ASP B 388 12.07 -25.55 18.77
N GLN B 389 12.80 -24.49 19.09
CA GLN B 389 13.52 -24.39 20.37
C GLN B 389 12.55 -24.58 21.54
N LEU B 390 11.49 -23.79 21.50
CA LEU B 390 10.54 -23.77 22.59
C LEU B 390 9.74 -25.06 22.68
N GLN B 391 9.27 -25.57 21.55
CA GLN B 391 8.46 -26.80 21.57
C GLN B 391 9.27 -28.03 22.01
N LYS B 392 10.52 -28.12 21.54
CA LYS B 392 11.35 -29.27 21.89
C LYS B 392 11.81 -29.22 23.36
N ASN B 393 12.02 -28.01 23.91
CA ASN B 393 12.57 -27.88 25.28
C ASN B 393 11.51 -27.87 26.38
N LEU B 394 10.29 -27.46 26.06
CA LEU B 394 9.24 -27.25 27.06
C LEU B 394 8.00 -28.14 26.74
N ASP B 395 7.96 -29.31 27.38
CA ASP B 395 6.88 -30.29 27.20
C ASP B 395 5.51 -29.68 27.43
N GLY B 396 4.63 -29.84 26.44
CA GLY B 396 3.27 -29.32 26.52
C GLY B 396 3.07 -27.93 25.98
N LEU B 397 4.14 -27.29 25.49
CA LEU B 397 4.03 -25.97 24.90
C LEU B 397 3.80 -26.06 23.41
N THR B 398 2.76 -25.38 22.93
CA THR B 398 2.54 -25.17 21.50
C THR B 398 2.73 -23.70 21.20
N VAL B 399 3.54 -23.41 20.18
CA VAL B 399 3.77 -22.04 19.72
C VAL B 399 3.20 -21.89 18.32
N LYS B 400 2.14 -21.11 18.19
CA LYS B 400 1.55 -20.77 16.89
C LYS B 400 2.20 -19.55 16.30
N LEU B 401 2.51 -19.58 15.01
CA LEU B 401 3.28 -18.50 14.41
C LEU B 401 2.38 -17.50 13.72
N LYS B 402 2.63 -16.21 13.94
CA LYS B 402 1.95 -15.13 13.23
C LYS B 402 3.02 -14.25 12.64
N ASN B 403 3.16 -14.28 11.33
CA ASN B 403 4.13 -13.48 10.63
C ASN B 403 3.37 -12.49 9.77
N VAL B 404 3.51 -11.21 10.11
CA VAL B 404 2.65 -10.14 9.59
C VAL B 404 3.51 -8.98 9.13
N PRO B 405 2.94 -8.05 8.34
CA PRO B 405 3.75 -6.87 8.01
C PRO B 405 4.22 -6.10 9.25
N PHE B 406 5.39 -5.50 9.16
CA PHE B 406 5.97 -4.65 10.20
C PHE B 406 4.94 -3.69 10.80
N LYS B 407 4.25 -2.94 9.95
CA LYS B 407 3.26 -2.00 10.46
C LYS B 407 2.14 -2.66 11.29
N VAL B 408 1.79 -3.90 10.92
CA VAL B 408 0.77 -4.64 11.66
C VAL B 408 1.30 -5.08 13.01
N ARG B 409 2.49 -5.69 13.04
CA ARG B 409 3.12 -6.01 14.32
C ARG B 409 3.15 -4.79 15.24
N LEU B 410 3.53 -3.62 14.71
CA LEU B 410 3.61 -2.41 15.54
C LEU B 410 2.24 -1.94 16.05
N GLN B 411 1.24 -1.98 15.18
CA GLN B 411 -0.13 -1.61 15.56
C GLN B 411 -0.67 -2.56 16.64
N ASN B 412 -0.46 -3.86 16.45
CA ASN B 412 -0.88 -4.87 17.40
C ASN B 412 -0.17 -4.66 18.73
N ASP B 413 1.10 -4.29 18.68
CA ASP B 413 1.90 -4.02 19.88
C ASP B 413 1.29 -2.87 20.67
N GLN B 414 1.02 -1.76 19.99
CA GLN B 414 0.35 -0.60 20.60
C GLN B 414 -1.01 -0.94 21.18
N ASN B 415 -1.74 -1.86 20.54
CA ASN B 415 -3.02 -2.37 21.05
C ASN B 415 -2.93 -3.45 22.13
N GLN B 416 -1.72 -3.89 22.46
CA GLN B 416 -1.54 -5.07 23.32
C GLN B 416 -2.36 -6.27 22.82
N ASP B 417 -2.43 -6.41 21.51
CA ASP B 417 -3.16 -7.48 20.84
C ASP B 417 -2.14 -8.51 20.31
N TYR B 418 -1.45 -9.17 21.25
CA TYR B 418 -0.41 -10.18 20.97
C TYR B 418 -0.12 -10.92 22.28
N ASP B 419 0.50 -12.10 22.21
CA ASP B 419 0.95 -12.86 23.40
C ASP B 419 2.45 -12.58 23.68
N PHE B 420 3.29 -12.95 22.72
CA PHE B 420 4.72 -12.63 22.77
C PHE B 420 5.21 -12.38 21.34
N SER B 421 6.30 -11.61 21.23
CA SER B 421 6.74 -11.13 19.91
C SER B 421 8.23 -10.94 19.84
N MET B 422 8.73 -10.93 18.61
CA MET B 422 10.12 -10.55 18.32
C MET B 422 10.08 -9.06 18.06
N SER B 423 10.78 -8.29 18.90
CA SER B 423 10.81 -6.83 18.79
C SER B 423 12.26 -6.35 18.81
N GLY B 424 12.50 -5.13 18.39
CA GLY B 424 13.87 -4.61 18.40
C GLY B 424 13.88 -3.13 18.64
N TRP B 425 14.94 -2.64 19.29
CA TRP B 425 15.10 -1.22 19.50
C TRP B 425 16.47 -0.79 19.05
N GLY B 426 16.48 0.26 18.23
CA GLY B 426 17.68 0.99 17.91
C GLY B 426 17.77 2.29 18.70
N PRO B 427 18.98 2.68 19.10
CA PRO B 427 19.12 3.88 19.90
C PRO B 427 18.77 5.20 19.20
N ASP B 428 18.13 6.10 19.93
CA ASP B 428 17.84 7.43 19.43
C ASP B 428 18.87 8.45 19.88
N TYR B 429 19.64 8.11 20.90
CA TYR B 429 20.76 8.96 21.36
C TYR B 429 21.68 8.06 22.17
N GLN B 430 22.87 8.56 22.51
CA GLN B 430 23.94 7.69 22.98
C GLN B 430 24.01 7.68 24.51
N ASP B 431 23.08 6.95 25.10
CA ASP B 431 22.97 6.83 26.56
C ASP B 431 22.06 5.61 26.83
N PRO B 432 22.34 4.82 27.90
CA PRO B 432 21.50 3.66 28.19
C PRO B 432 19.98 3.94 28.28
N SER B 433 19.61 5.13 28.72
CA SER B 433 18.19 5.47 28.89
C SER B 433 17.36 5.34 27.62
N THR B 434 17.96 5.50 26.44
CA THR B 434 17.16 5.28 25.20
C THR B 434 16.54 3.90 25.17
N PHE B 435 17.25 2.91 25.70
CA PHE B 435 16.75 1.56 25.87
C PHE B 435 15.91 1.38 27.14
N LEU B 436 16.44 1.86 28.26
CA LEU B 436 15.87 1.54 29.55
C LEU B 436 14.51 2.19 29.78
N ASP B 437 14.35 3.41 29.28
CA ASP B 437 13.08 4.13 29.43
C ASP B 437 11.85 3.47 28.79
N LEU B 438 12.06 2.51 27.90
CA LEU B 438 10.95 1.85 27.23
C LEU B 438 10.04 1.12 28.22
N PHE B 439 10.59 0.61 29.32
CA PHE B 439 9.86 -0.33 30.18
C PHE B 439 9.38 0.26 31.51
N VAL B 440 9.31 1.59 31.56
CA VAL B 440 8.60 2.28 32.63
C VAL B 440 7.10 2.00 32.54
N THR B 441 6.44 2.00 33.68
CA THR B 441 5.02 1.67 33.78
C THR B 441 4.19 2.52 32.79
N ASP B 442 3.32 1.83 32.02
CA ASP B 442 2.40 2.47 31.07
C ASP B 442 3.12 3.28 29.97
N GLY B 443 4.40 3.02 29.75
CA GLY B 443 5.16 3.73 28.71
C GLY B 443 4.60 3.38 27.34
N ALA B 444 4.66 4.31 26.39
CA ALA B 444 4.09 4.09 25.06
C ALA B 444 4.81 3.01 24.26
N GLN B 445 6.04 2.66 24.64
CA GLN B 445 6.79 1.55 24.05
C GLN B 445 6.97 0.34 24.97
N ASN B 446 6.24 0.31 26.08
CA ASN B 446 6.20 -0.84 26.99
C ASN B 446 5.21 -1.83 26.40
N ARG B 447 3.90 -1.55 26.52
CA ARG B 447 2.85 -2.36 25.90
C ARG B 447 2.90 -3.83 26.27
N MET B 448 3.33 -4.11 27.49
CA MET B 448 3.33 -5.48 28.03
C MET B 448 2.56 -5.57 29.32
N SER B 449 2.09 -4.44 29.85
CA SER B 449 1.59 -4.36 31.22
C SER B 449 2.67 -4.81 32.21
N TYR B 450 3.92 -4.52 31.87
CA TYR B 450 5.02 -4.69 32.81
C TYR B 450 5.09 -3.42 33.66
N SER B 451 5.05 -3.59 34.96
CA SER B 451 5.17 -2.46 35.89
C SER B 451 5.97 -2.89 37.11
N ASN B 452 7.09 -2.22 37.30
CA ASN B 452 7.90 -2.40 38.51
C ASN B 452 8.22 -1.00 39.00
N LYS B 453 7.67 -0.62 40.15
CA LYS B 453 7.84 0.76 40.66
C LYS B 453 9.27 1.04 41.06
N ASP B 454 10.01 0.00 41.45
CA ASP B 454 11.45 0.14 41.77
C ASP B 454 12.24 0.57 40.52
N TYR B 455 11.89 -0.04 39.39
CA TYR B 455 12.49 0.28 38.08
C TYR B 455 12.17 1.71 37.66
N ASP B 456 10.89 2.07 37.75
CA ASP B 456 10.39 3.43 37.51
C ASP B 456 11.18 4.43 38.37
N LYS B 457 11.30 4.12 39.66
CA LYS B 457 11.97 5.03 40.59
C LYS B 457 13.44 5.22 40.23
N ILE B 458 14.14 4.11 39.97
CA ILE B 458 15.56 4.16 39.59
C ILE B 458 15.76 5.13 38.45
N LEU B 459 14.97 4.98 37.40
CA LEU B 459 15.12 5.78 36.21
C LEU B 459 14.60 7.20 36.34
N ASN B 460 13.69 7.46 37.28
CA ASN B 460 13.27 8.84 37.57
C ASN B 460 14.19 9.50 38.60
N ASP B 470 25.94 12.79 37.73
CA ASP B 470 26.31 12.13 36.47
C ASP B 470 26.78 10.68 36.74
N GLN B 471 27.71 10.53 37.67
CA GLN B 471 28.14 9.19 38.10
C GLN B 471 26.98 8.46 38.79
N LYS B 472 26.30 9.17 39.68
CA LYS B 472 25.16 8.61 40.40
C LYS B 472 24.12 8.11 39.40
N ARG B 473 23.78 8.94 38.40
CA ARG B 473 22.79 8.53 37.38
C ARG B 473 23.22 7.28 36.61
N TRP B 474 24.49 7.24 36.21
CA TRP B 474 25.06 6.07 35.51
C TRP B 474 24.92 4.79 36.32
N ASP B 475 25.36 4.86 37.57
CA ASP B 475 25.35 3.71 38.47
C ASP B 475 23.93 3.14 38.65
N GLU B 476 22.95 4.03 38.70
CA GLU B 476 21.56 3.63 38.83
C GLU B 476 21.05 2.94 37.59
N MET B 477 21.41 3.49 36.43
CA MET B 477 21.04 2.90 35.15
C MET B 477 21.59 1.49 35.00
N VAL B 478 22.82 1.27 35.46
CA VAL B 478 23.42 -0.08 35.46
C VAL B 478 22.55 -1.02 36.32
N LYS B 479 22.17 -0.59 37.51
CA LYS B 479 21.34 -1.43 38.41
C LYS B 479 19.94 -1.73 37.85
N ALA B 480 19.42 -0.82 37.03
CA ALA B 480 18.09 -0.97 36.43
C ALA B 480 17.96 -2.22 35.55
N GLU B 481 19.00 -2.55 34.81
CA GLU B 481 18.94 -3.68 33.91
C GLU B 481 18.79 -4.99 34.65
N LYS B 482 19.38 -5.10 35.85
CA LYS B 482 19.20 -6.32 36.63
C LYS B 482 17.75 -6.49 37.09
N ILE B 483 17.10 -5.39 37.46
CA ILE B 483 15.68 -5.46 37.80
C ILE B 483 14.84 -5.94 36.60
N LEU B 484 15.09 -5.35 35.45
CA LEU B 484 14.33 -5.67 34.24
C LEU B 484 14.50 -7.11 33.79
N LEU B 485 15.73 -7.60 33.81
CA LEU B 485 16.03 -8.88 33.20
C LEU B 485 16.13 -10.01 34.22
N THR B 486 17.20 -10.03 35.03
CA THR B 486 17.39 -11.09 36.00
C THR B 486 16.21 -11.22 36.97
N ASP B 487 15.79 -10.10 37.55
CA ASP B 487 14.76 -10.14 38.59
C ASP B 487 13.34 -10.40 38.01
N ASP B 488 12.95 -9.64 36.99
CA ASP B 488 11.56 -9.64 36.48
C ASP B 488 11.32 -10.42 35.19
N VAL B 489 12.39 -10.75 34.47
CA VAL B 489 12.26 -11.34 33.14
C VAL B 489 11.19 -10.59 32.31
N ALA B 490 11.26 -9.26 32.28
CA ALA B 490 10.24 -8.43 31.56
C ALA B 490 10.23 -8.70 30.05
N ILE B 491 11.44 -8.88 29.54
CA ILE B 491 11.74 -9.18 28.14
C ILE B 491 12.92 -10.15 28.10
N GLN B 492 13.25 -10.69 26.93
CA GLN B 492 14.45 -11.51 26.80
C GLN B 492 15.24 -11.07 25.58
N PRO B 493 16.34 -10.35 25.79
CA PRO B 493 17.32 -10.07 24.74
C PRO B 493 17.77 -11.34 24.04
N LEU B 494 17.84 -11.29 22.72
CA LEU B 494 18.24 -12.42 21.91
C LEU B 494 19.50 -12.10 21.16
N TYR B 495 19.53 -10.99 20.41
CA TYR B 495 20.75 -10.66 19.68
C TYR B 495 20.99 -9.18 19.51
N GLN B 496 22.26 -8.85 19.30
CA GLN B 496 22.68 -7.52 18.92
C GLN B 496 22.84 -7.53 17.40
N ARG B 497 22.21 -6.58 16.74
CA ARG B 497 21.98 -6.69 15.32
C ARG B 497 23.10 -6.09 14.49
N SER B 498 23.55 -6.88 13.52
CA SER B 498 24.33 -6.39 12.38
C SER B 498 23.55 -6.72 11.12
N THR B 499 23.83 -6.02 10.02
CA THR B 499 23.14 -6.28 8.75
C THR B 499 24.19 -6.46 7.68
N ALA B 500 24.02 -7.47 6.85
CA ALA B 500 24.94 -7.78 5.76
C ALA B 500 24.33 -7.33 4.44
N TYR B 501 25.17 -6.76 3.59
CA TYR B 501 24.74 -6.32 2.25
C TYR B 501 25.76 -6.66 1.19
N LEU B 502 25.31 -6.72 -0.05
CA LEU B 502 26.20 -6.43 -1.15
C LEU B 502 25.96 -4.98 -1.46
N GLN B 503 27.04 -4.24 -1.64
CA GLN B 503 26.99 -2.81 -1.94
C GLN B 503 27.90 -2.48 -3.08
N LYS B 504 27.39 -1.83 -4.13
CA LYS B 504 28.23 -1.51 -5.29
C LYS B 504 29.37 -0.56 -4.93
N ASP B 505 30.53 -0.77 -5.55
CA ASP B 505 31.74 0.03 -5.24
C ASP B 505 31.62 1.53 -5.55
N TYR B 506 30.72 1.88 -6.44
CA TYR B 506 30.54 3.25 -6.86
C TYR B 506 29.66 4.11 -5.92
N ILE B 507 29.08 3.52 -4.88
CA ILE B 507 28.37 4.33 -3.86
C ILE B 507 29.41 4.96 -2.93
N LYS B 508 29.52 6.28 -2.96
CA LYS B 508 30.45 6.99 -2.08
C LYS B 508 29.74 7.83 -1.03
N ASN B 509 30.33 7.90 0.15
CA ASN B 509 29.82 8.80 1.21
C ASN B 509 28.37 8.48 1.61
N LEU B 510 28.08 7.19 1.76
CA LEU B 510 26.82 6.73 2.30
C LEU B 510 26.95 6.86 3.80
N GLN B 511 26.26 7.81 4.42
CA GLN B 511 26.42 8.04 5.84
C GLN B 511 25.48 7.19 6.65
N LYS B 512 26.06 6.28 7.45
CA LYS B 512 25.30 5.47 8.40
C LYS B 512 25.43 6.15 9.75
N ASN B 513 24.29 6.54 10.30
CA ASN B 513 24.27 7.25 11.56
C ASN B 513 24.33 6.24 12.71
N PRO B 514 25.13 6.55 13.74
CA PRO B 514 25.29 5.60 14.85
C PRO B 514 24.07 5.50 15.77
N PHE B 515 23.17 6.49 15.69
CA PHE B 515 21.92 6.48 16.39
C PHE B 515 20.96 7.42 15.65
N GLY B 516 19.71 7.44 16.09
CA GLY B 516 18.67 8.18 15.40
C GLY B 516 18.38 7.56 14.03
N PRO B 517 17.74 8.32 13.14
CA PRO B 517 17.49 7.80 11.79
C PRO B 517 18.71 7.15 11.13
N ASP B 518 18.49 6.00 10.50
CA ASP B 518 19.59 5.12 10.11
C ASP B 518 20.62 5.69 9.16
N TYR B 519 20.16 6.39 8.12
CA TYR B 519 21.04 6.92 7.07
C TYR B 519 20.79 8.39 6.81
N THR B 520 21.81 9.03 6.24
CA THR B 520 21.69 10.38 5.74
C THR B 520 22.23 10.38 4.32
N TYR B 521 21.35 10.49 3.34
CA TYR B 521 21.75 10.47 1.90
C TYR B 521 22.22 11.81 1.35
N LYS B 522 22.06 12.86 2.14
CA LYS B 522 22.32 14.25 1.70
C LYS B 522 23.55 14.42 0.81
N GLU B 523 24.71 13.95 1.27
CA GLU B 523 25.97 14.15 0.56
C GLU B 523 26.52 12.91 -0.13
N THR B 524 25.70 11.87 -0.19
CA THR B 524 26.07 10.63 -0.88
C THR B 524 26.21 10.90 -2.38
N TYR B 525 27.14 10.22 -3.04
CA TYR B 525 27.29 10.36 -4.49
C TYR B 525 27.81 9.08 -5.16
N LEU B 526 27.67 9.02 -6.48
CA LEU B 526 28.11 7.87 -7.26
C LEU B 526 29.30 8.21 -8.14
N THR B 527 30.22 7.26 -8.27
CA THR B 527 31.33 7.33 -9.24
C THR B 527 31.17 6.22 -10.27
N LYS B 528 30.03 6.20 -10.96
CA LYS B 528 29.72 5.15 -11.94
C LYS B 528 30.59 5.33 -13.16
N LEU B 529 31.03 4.23 -13.75
CA LEU B 529 31.88 4.25 -14.94
C LEU B 529 31.32 3.34 -16.04
N SER C 1 -15.27 -2.24 -14.34
CA SER C 1 -13.98 -2.64 -14.95
C SER C 1 -13.43 -1.56 -15.87
N ASP C 2 -12.12 -1.32 -15.80
CA ASP C 2 -11.43 -0.44 -16.75
C ASP C 2 -11.46 -0.99 -18.17
N GLU C 3 -11.86 -0.13 -19.10
CA GLU C 3 -12.06 -0.49 -20.51
C GLU C 3 -10.85 -0.11 -21.34
N SER C 4 -10.47 -0.97 -22.27
CA SER C 4 -9.43 -0.66 -23.24
C SER C 4 -10.11 -0.07 -24.47
N LYS C 5 -9.42 0.88 -25.07
CA LYS C 5 -9.82 1.40 -26.36
C LYS C 5 -9.29 0.44 -27.41
N GLY C 6 -10.20 -0.25 -28.09
CA GLY C 6 -9.84 -1.09 -29.23
C GLY C 6 -9.45 -0.25 -30.42
N SER D 1 14.29 3.80 18.21
CA SER D 1 13.27 3.52 17.16
C SER D 1 12.98 2.02 17.07
N ASP D 2 11.73 1.68 16.74
CA ASP D 2 11.32 0.30 16.56
C ASP D 2 11.97 -0.28 15.31
N GLU D 3 12.57 -1.46 15.44
CA GLU D 3 13.32 -2.11 14.36
C GLU D 3 12.49 -3.19 13.68
N SER D 4 12.65 -3.34 12.38
CA SER D 4 12.03 -4.42 11.62
C SER D 4 13.03 -5.57 11.46
N SER D 5 12.51 -6.80 11.47
CA SER D 5 13.31 -8.01 11.30
C SER D 5 13.54 -8.24 9.81
N GLY D 6 14.61 -7.66 9.28
CA GLY D 6 14.96 -7.76 7.86
C GLY D 6 15.38 -9.16 7.43
#